data_4BLR
#
_entry.id   4BLR
#
_cell.length_a   105.387
_cell.length_b   129.330
_cell.length_c   159.073
_cell.angle_alpha   90.00
_cell.angle_beta   90.00
_cell.angle_gamma   90.00
#
_symmetry.space_group_name_H-M   'I 2 2 2'
#
loop_
_entity.id
_entity.type
_entity.pdbx_description
1 polymer 'NTPASE P4'
2 non-polymer "URIDINE 5'-TRIPHOSPHATE"
3 non-polymer 2,3-DIHYDROXY-1,4-DITHIOBUTANE
4 water water
#
_entity_poly.entity_id   1
_entity_poly.type   'polypeptide(L)'
_entity_poly.pdbx_seq_one_letter_code
;MIHLYDAKSFAKLRAAQYAAFHTDAPGSWFDHTSGVLESVEDGTPVLAIGVESGDAIVFDKNAQRIVAYKEKSVKAEDGS
VSVVQVENGFMKQGHRGWLVDLTGELVGCSPVVAEFGGHRYASGMVIVTGKGNSGKTPLVHALGEALGGKDKYATVRFGE
PLSGYNTDFNVFVDDIARAMLQHRVIVIDSLKNVIGAAGGNTTSGGISRGAFDLLSDIGAMAASRGCVVIASLNPTSNDD
KIVELVKEASRSNSTSLVISTDVDGEWQVLTRTGEGLQRLTHTLQTSYGEHSVLTIHTSKQSGGKQASGKAIQTVIKNDE
LESVLRRLTSN
;
_entity_poly.pdbx_strand_id   A,B,C
#
# COMPACT_ATOMS: atom_id res chain seq x y z
N MET A 1 -17.07 8.39 -9.65
CA MET A 1 -16.40 7.82 -10.86
C MET A 1 -15.07 8.52 -11.13
N ILE A 2 -14.32 8.02 -12.10
CA ILE A 2 -13.09 8.70 -12.52
C ILE A 2 -13.43 9.77 -13.56
N HIS A 3 -12.63 10.84 -13.58
CA HIS A 3 -12.81 11.93 -14.53
C HIS A 3 -11.51 12.20 -15.25
N LEU A 4 -11.60 12.52 -16.55
CA LEU A 4 -10.44 12.81 -17.38
C LEU A 4 -10.35 14.32 -17.61
N TYR A 5 -9.14 14.87 -17.58
CA TYR A 5 -8.94 16.31 -17.82
C TYR A 5 -7.76 16.57 -18.74
N ASP A 6 -7.87 17.65 -19.51
CA ASP A 6 -6.71 18.32 -20.09
C ASP A 6 -6.65 19.71 -19.46
N ALA A 7 -5.70 20.53 -19.88
CA ALA A 7 -5.55 21.88 -19.31
C ALA A 7 -6.85 22.68 -19.37
N LYS A 8 -7.53 22.64 -20.50
CA LYS A 8 -8.74 23.46 -20.68
C LYS A 8 -9.91 23.00 -19.80
N SER A 9 -10.18 21.70 -19.77
CA SER A 9 -11.29 21.19 -18.93
C SER A 9 -10.97 21.30 -17.45
N PHE A 10 -9.69 21.17 -17.08
CA PHE A 10 -9.30 21.35 -15.69
C PHE A 10 -9.52 22.79 -15.22
N ALA A 11 -9.13 23.75 -16.04
CA ALA A 11 -9.34 25.16 -15.72
C ALA A 11 -10.84 25.47 -15.55
N LYS A 12 -11.67 24.88 -16.41
CA LYS A 12 -13.11 25.04 -16.29
C LYS A 12 -13.64 24.48 -14.98
N LEU A 13 -13.15 23.31 -14.58
CA LEU A 13 -13.54 22.71 -13.31
C LEU A 13 -13.22 23.62 -12.13
N ARG A 14 -11.98 24.13 -12.08
CA ARG A 14 -11.54 25.00 -10.99
C ARG A 14 -12.39 26.27 -10.91
N ALA A 15 -12.75 26.82 -12.07
CA ALA A 15 -13.62 27.99 -12.12
C ALA A 15 -15.01 27.67 -11.55
N ALA A 16 -15.54 26.50 -11.90
CA ALA A 16 -16.84 26.05 -11.40
C ALA A 16 -16.81 25.77 -9.89
N GLN A 17 -15.73 25.16 -9.42
CA GLN A 17 -15.55 24.92 -7.98
C GLN A 17 -15.48 26.23 -7.22
N TYR A 18 -14.71 27.18 -7.73
CA TYR A 18 -14.59 28.51 -7.13
C TYR A 18 -15.96 29.16 -7.01
N ALA A 19 -16.74 29.08 -8.09
CA ALA A 19 -18.09 29.65 -8.12
C ALA A 19 -19.04 28.98 -7.12
N ALA A 20 -18.91 27.66 -6.98
CA ALA A 20 -19.77 26.89 -6.07
C ALA A 20 -19.69 27.39 -4.62
N PHE A 21 -18.56 27.96 -4.23
CA PHE A 21 -18.44 28.58 -2.91
C PHE A 21 -18.67 30.09 -2.96
N HIS A 22 -18.00 30.79 -3.88
CA HIS A 22 -17.89 32.25 -3.84
C HIS A 22 -19.06 33.04 -4.44
N THR A 23 -19.71 32.50 -5.47
CA THR A 23 -20.70 33.28 -6.22
C THR A 23 -22.09 32.67 -6.37
N ASP A 24 -22.22 31.35 -6.21
CA ASP A 24 -23.55 30.73 -6.19
C ASP A 24 -24.38 31.32 -5.06
N ALA A 25 -25.69 31.36 -5.26
CA ALA A 25 -26.60 31.78 -4.20
C ALA A 25 -26.49 30.80 -3.04
N PRO A 26 -26.34 31.31 -1.80
CA PRO A 26 -26.23 30.42 -0.65
C PRO A 26 -27.40 29.44 -0.54
N GLY A 27 -27.09 28.16 -0.34
CA GLY A 27 -28.10 27.11 -0.25
C GLY A 27 -28.62 26.58 -1.58
N SER A 28 -28.13 27.10 -2.69
CA SER A 28 -28.58 26.64 -4.01
C SER A 28 -28.29 25.17 -4.27
N TRP A 29 -27.12 24.72 -3.85
CA TRP A 29 -26.72 23.33 -4.08
C TRP A 29 -27.67 22.37 -3.35
N PHE A 30 -28.00 22.70 -2.10
CA PHE A 30 -28.96 21.91 -1.33
C PHE A 30 -30.29 21.78 -2.08
N ASP A 31 -30.81 22.89 -2.59
CA ASP A 31 -32.06 22.85 -3.33
C ASP A 31 -31.94 22.01 -4.61
N HIS A 32 -30.79 22.09 -5.27
CA HIS A 32 -30.54 21.28 -6.45
C HIS A 32 -30.58 19.78 -6.13
N THR A 33 -29.88 19.38 -5.07
CA THR A 33 -29.83 17.95 -4.72
C THR A 33 -31.16 17.44 -4.17
N SER A 34 -31.94 18.33 -3.54
CA SER A 34 -33.30 17.98 -3.12
C SER A 34 -34.13 17.60 -4.35
N GLY A 35 -33.99 18.35 -5.42
CA GLY A 35 -34.63 18.04 -6.69
C GLY A 35 -34.19 16.70 -7.27
N VAL A 36 -32.88 16.42 -7.21
CA VAL A 36 -32.36 15.14 -7.71
C VAL A 36 -32.97 13.99 -6.90
N LEU A 37 -32.95 14.11 -5.58
CA LEU A 37 -33.53 13.08 -4.70
C LEU A 37 -35.03 12.88 -4.94
N GLU A 38 -35.76 13.99 -5.11
CA GLU A 38 -37.19 13.95 -5.40
C GLU A 38 -37.52 13.25 -6.73
N SER A 39 -36.59 13.29 -7.68
CA SER A 39 -36.79 12.68 -9.01
C SER A 39 -36.57 11.17 -9.02
N VAL A 40 -36.00 10.64 -7.93
CA VAL A 40 -35.67 9.22 -7.85
C VAL A 40 -36.96 8.37 -7.80
N GLU A 41 -37.00 7.29 -8.57
CA GLU A 41 -38.20 6.43 -8.59
C GLU A 41 -38.45 5.81 -7.22
N ASP A 42 -39.74 5.58 -6.91
CA ASP A 42 -40.16 5.09 -5.60
C ASP A 42 -39.44 3.79 -5.24
N GLY A 43 -38.98 3.70 -3.99
CA GLY A 43 -38.32 2.50 -3.48
C GLY A 43 -36.82 2.40 -3.76
N THR A 44 -36.27 3.33 -4.53
CA THR A 44 -34.86 3.29 -4.91
C THR A 44 -33.98 3.71 -3.74
N PRO A 45 -32.96 2.90 -3.43
CA PRO A 45 -31.95 3.28 -2.45
C PRO A 45 -31.22 4.57 -2.85
N VAL A 46 -31.06 5.50 -1.93
CA VAL A 46 -30.33 6.74 -2.20
C VAL A 46 -29.13 6.97 -1.28
N LEU A 47 -29.12 6.35 -0.11
CA LEU A 47 -28.05 6.57 0.87
C LEU A 47 -27.79 5.33 1.69
N ALA A 48 -26.51 4.98 1.83
CA ALA A 48 -26.08 3.88 2.69
C ALA A 48 -25.08 4.41 3.71
N ILE A 49 -25.25 4.00 4.96
CA ILE A 49 -24.42 4.47 6.06
C ILE A 49 -24.05 3.29 6.95
N GLY A 50 -22.83 3.31 7.47
CA GLY A 50 -22.33 2.21 8.28
C GLY A 50 -22.91 2.18 9.69
N VAL A 51 -23.32 1.00 10.14
CA VAL A 51 -23.71 0.78 11.52
C VAL A 51 -22.47 0.33 12.30
N GLU A 52 -22.63 0.14 13.61
CA GLU A 52 -21.49 -0.10 14.50
C GLU A 52 -20.58 -1.25 14.03
N SER A 53 -21.19 -2.34 13.56
CA SER A 53 -20.46 -3.53 13.12
C SER A 53 -19.66 -3.34 11.84
N GLY A 54 -19.96 -2.30 11.06
CA GLY A 54 -19.32 -2.10 9.76
C GLY A 54 -20.21 -2.53 8.60
N ASP A 55 -21.33 -3.19 8.91
CA ASP A 55 -22.39 -3.41 7.91
C ASP A 55 -23.00 -2.04 7.60
N ALA A 56 -23.77 -1.96 6.52
CA ALA A 56 -24.41 -0.71 6.13
C ALA A 56 -25.92 -0.86 6.07
N ILE A 57 -26.62 0.15 6.53
CA ILE A 57 -28.07 0.24 6.36
C ILE A 57 -28.40 1.24 5.26
N VAL A 58 -29.56 1.06 4.64
CA VAL A 58 -29.89 1.75 3.39
C VAL A 58 -31.23 2.48 3.51
N PHE A 59 -31.28 3.69 2.95
CA PHE A 59 -32.46 4.55 3.04
C PHE A 59 -32.95 4.97 1.66
N ASP A 60 -34.27 5.19 1.55
CA ASP A 60 -34.85 5.76 0.34
C ASP A 60 -34.95 7.28 0.49
N LYS A 61 -35.50 7.95 -0.52
CA LYS A 61 -35.55 9.43 -0.56
C LYS A 61 -36.36 10.04 0.57
N ASN A 62 -37.33 9.28 1.11
CA ASN A 62 -38.16 9.75 2.23
C ASN A 62 -37.56 9.41 3.60
N ALA A 63 -36.28 9.02 3.62
CA ALA A 63 -35.59 8.63 4.85
C ALA A 63 -36.24 7.43 5.54
N GLN A 64 -36.83 6.54 4.75
CA GLN A 64 -37.34 5.28 5.26
C GLN A 64 -36.34 4.19 4.95
N ARG A 65 -36.05 3.35 5.94
CA ARG A 65 -35.06 2.29 5.77
C ARG A 65 -35.58 1.22 4.83
N ILE A 66 -34.71 0.75 3.94
CA ILE A 66 -35.06 -0.31 2.99
C ILE A 66 -34.60 -1.63 3.57
N VAL A 67 -35.52 -2.59 3.69
CA VAL A 67 -35.21 -3.90 4.27
C VAL A 67 -34.87 -4.94 3.21
N ALA A 68 -35.54 -4.86 2.05
CA ALA A 68 -35.36 -5.82 0.97
C ALA A 68 -35.35 -5.10 -0.37
N TYR A 69 -34.32 -5.38 -1.18
CA TYR A 69 -34.18 -4.74 -2.49
C TYR A 69 -33.41 -5.69 -3.41
N LYS A 70 -34.08 -6.12 -4.48
CA LYS A 70 -33.51 -7.08 -5.43
C LYS A 70 -32.28 -6.48 -6.11
N GLU A 71 -31.26 -7.30 -6.35
CA GLU A 71 -30.04 -6.85 -7.01
C GLU A 71 -30.36 -6.02 -8.26
N LYS A 72 -29.73 -4.86 -8.39
CA LYS A 72 -29.99 -3.95 -9.49
C LYS A 72 -28.71 -3.21 -9.86
N SER A 73 -28.33 -3.26 -11.13
CA SER A 73 -27.07 -2.67 -11.60
C SER A 73 -27.30 -1.44 -12.47
N VAL A 74 -26.39 -0.47 -12.36
CA VAL A 74 -26.43 0.76 -13.14
C VAL A 74 -25.04 1.08 -13.66
N LYS A 75 -24.92 1.27 -14.98
CA LYS A 75 -23.63 1.61 -15.59
C LYS A 75 -23.42 3.12 -15.64
N ALA A 76 -22.32 3.58 -15.03
CA ALA A 76 -22.00 5.01 -15.00
C ALA A 76 -21.38 5.47 -16.32
N GLU A 77 -21.10 6.77 -16.39
CA GLU A 77 -20.55 7.38 -17.60
C GLU A 77 -19.14 6.90 -17.92
N ASP A 78 -18.31 6.71 -16.90
CA ASP A 78 -16.93 6.25 -17.09
C ASP A 78 -16.80 4.76 -17.42
N GLY A 79 -17.91 4.04 -17.40
CA GLY A 79 -17.92 2.61 -17.70
C GLY A 79 -18.09 1.72 -16.48
N SER A 80 -17.91 2.31 -15.29
CA SER A 80 -18.05 1.57 -14.04
C SER A 80 -19.51 1.16 -13.81
N VAL A 81 -19.69 0.04 -13.12
CA VAL A 81 -21.00 -0.49 -12.78
C VAL A 81 -21.19 -0.38 -11.27
N SER A 82 -22.29 0.25 -10.87
CA SER A 82 -22.68 0.28 -9.48
C SER A 82 -23.84 -0.70 -9.29
N VAL A 83 -23.70 -1.61 -8.33
CA VAL A 83 -24.73 -2.59 -8.02
C VAL A 83 -25.27 -2.27 -6.63
N VAL A 84 -26.58 -2.42 -6.44
CA VAL A 84 -27.19 -2.26 -5.13
C VAL A 84 -28.11 -3.45 -4.84
N GLN A 85 -27.94 -4.04 -3.66
CA GLN A 85 -28.79 -5.11 -3.18
C GLN A 85 -28.92 -5.01 -1.66
N VAL A 86 -30.14 -5.16 -1.17
CA VAL A 86 -30.42 -5.13 0.27
C VAL A 86 -31.15 -6.41 0.65
N GLU A 87 -30.69 -7.05 1.73
CA GLU A 87 -31.28 -8.29 2.21
C GLU A 87 -31.32 -8.28 3.74
N ASN A 88 -32.47 -8.61 4.30
CA ASN A 88 -32.67 -8.65 5.75
C ASN A 88 -32.25 -7.36 6.47
N GLY A 89 -32.53 -6.22 5.85
CA GLY A 89 -32.25 -4.91 6.45
C GLY A 89 -30.82 -4.42 6.32
N PHE A 90 -29.99 -5.12 5.57
CA PHE A 90 -28.58 -4.74 5.41
C PHE A 90 -28.13 -4.79 3.96
N MET A 91 -27.20 -3.90 3.62
CA MET A 91 -26.64 -3.84 2.28
C MET A 91 -25.84 -5.11 1.98
N LYS A 92 -26.21 -5.82 0.93
CA LYS A 92 -25.48 -7.01 0.49
C LYS A 92 -24.51 -6.67 -0.63
N GLN A 93 -24.94 -5.78 -1.53
CA GLN A 93 -24.07 -5.22 -2.56
C GLN A 93 -24.26 -3.71 -2.60
N GLY A 94 -23.16 -3.00 -2.83
CA GLY A 94 -23.18 -1.54 -2.92
C GLY A 94 -21.99 -0.93 -2.21
N HIS A 95 -22.12 0.36 -1.89
CA HIS A 95 -21.06 1.09 -1.19
C HIS A 95 -21.68 2.06 -0.21
N ARG A 96 -20.89 2.50 0.77
CA ARG A 96 -21.33 3.53 1.71
C ARG A 96 -21.35 4.88 1.00
N GLY A 97 -22.29 5.74 1.38
CA GLY A 97 -22.43 7.07 0.78
C GLY A 97 -23.67 7.18 -0.07
N TRP A 98 -23.70 8.19 -0.94
CA TRP A 98 -24.85 8.42 -1.80
C TRP A 98 -24.88 7.36 -2.90
N LEU A 99 -26.04 6.73 -3.05
CA LEU A 99 -26.25 5.67 -4.03
C LEU A 99 -26.86 6.16 -5.33
N VAL A 100 -27.17 7.46 -5.38
CA VAL A 100 -27.53 8.14 -6.61
C VAL A 100 -26.55 9.30 -6.82
N ASP A 101 -26.38 9.70 -8.08
CA ASP A 101 -25.42 10.76 -8.43
C ASP A 101 -26.01 12.14 -8.16
N LEU A 102 -25.51 12.81 -7.13
CA LEU A 102 -25.93 14.18 -6.81
C LEU A 102 -25.05 15.24 -7.45
N THR A 103 -23.88 14.85 -7.93
CA THR A 103 -22.83 15.83 -8.30
C THR A 103 -22.52 15.89 -9.80
N GLY A 104 -22.53 14.75 -10.46
CA GLY A 104 -22.16 14.69 -11.88
C GLY A 104 -20.69 15.03 -12.05
N GLU A 105 -20.38 15.83 -13.06
CA GLU A 105 -19.00 16.27 -13.30
C GLU A 105 -18.52 17.27 -12.25
N LEU A 106 -19.46 17.93 -11.58
CA LEU A 106 -19.12 18.97 -10.63
C LEU A 106 -18.75 18.36 -9.28
N VAL A 107 -17.51 17.91 -9.15
CA VAL A 107 -17.00 17.31 -7.91
C VAL A 107 -15.94 18.21 -7.29
N GLY A 108 -15.60 17.92 -6.03
CA GLY A 108 -14.58 18.67 -5.32
C GLY A 108 -14.98 20.06 -4.88
N CYS A 109 -16.29 20.28 -4.70
CA CYS A 109 -16.78 21.57 -4.25
C CYS A 109 -17.02 21.57 -2.74
N SER A 110 -17.05 22.79 -2.19
CA SER A 110 -17.54 23.05 -0.86
C SER A 110 -18.72 24.00 -1.04
N PRO A 111 -19.87 23.46 -1.50
CA PRO A 111 -20.98 24.32 -1.88
C PRO A 111 -21.44 25.24 -0.76
N VAL A 112 -21.57 26.52 -1.06
CA VAL A 112 -21.99 27.50 -0.05
C VAL A 112 -23.36 27.11 0.52
N VAL A 113 -23.42 27.00 1.85
CA VAL A 113 -24.65 26.57 2.54
C VAL A 113 -25.48 27.75 3.03
N ALA A 114 -24.80 28.84 3.37
CA ALA A 114 -25.44 30.02 3.93
C ALA A 114 -24.46 31.18 3.97
N GLU A 115 -25.00 32.38 4.13
CA GLU A 115 -24.21 33.57 4.40
C GLU A 115 -24.74 34.20 5.68
N PHE A 116 -23.83 34.58 6.57
CA PHE A 116 -24.19 35.18 7.84
C PHE A 116 -23.10 36.15 8.27
N GLY A 117 -23.51 37.34 8.73
CA GLY A 117 -22.57 38.35 9.21
C GLY A 117 -21.52 38.78 8.22
N GLY A 118 -21.86 38.73 6.93
CA GLY A 118 -20.93 39.10 5.86
C GLY A 118 -19.94 38.01 5.46
N HIS A 119 -20.13 36.79 5.95
CA HIS A 119 -19.26 35.67 5.62
C HIS A 119 -20.06 34.52 5.03
N ARG A 120 -19.51 33.88 3.99
CA ARG A 120 -20.11 32.67 3.44
C ARG A 120 -19.58 31.46 4.19
N TYR A 121 -20.46 30.49 4.40
CA TYR A 121 -20.12 29.24 5.07
C TYR A 121 -20.32 28.07 4.12
N ALA A 122 -19.42 27.08 4.22
CA ALA A 122 -19.46 25.92 3.35
C ALA A 122 -20.36 24.84 3.91
N SER A 123 -20.97 24.07 3.02
CA SER A 123 -21.57 22.79 3.40
C SER A 123 -20.45 21.80 3.73
N GLY A 124 -20.82 20.57 4.10
CA GLY A 124 -19.86 19.56 4.52
C GLY A 124 -19.91 19.42 6.03
N MET A 125 -18.85 18.87 6.61
CA MET A 125 -18.78 18.77 8.06
C MET A 125 -17.94 19.90 8.66
N VAL A 126 -18.51 20.53 9.68
CA VAL A 126 -17.84 21.53 10.48
C VAL A 126 -17.61 20.95 11.88
N ILE A 127 -16.35 20.78 12.25
CA ILE A 127 -16.03 20.36 13.62
C ILE A 127 -15.82 21.59 14.48
N VAL A 128 -16.51 21.62 15.61
CA VAL A 128 -16.40 22.70 16.58
C VAL A 128 -15.64 22.15 17.78
N THR A 129 -14.47 22.71 18.04
CA THR A 129 -13.57 22.15 19.05
C THR A 129 -12.64 23.21 19.66
N GLY A 130 -11.64 22.75 20.41
CA GLY A 130 -10.69 23.64 21.08
C GLY A 130 -10.62 23.38 22.57
N LYS A 131 -9.71 24.09 23.24
CA LYS A 131 -9.62 24.04 24.70
C LYS A 131 -10.03 25.40 25.26
N GLY A 132 -9.98 25.54 26.59
CA GLY A 132 -10.36 26.79 27.24
C GLY A 132 -11.80 26.78 27.71
N ASN A 133 -12.30 27.95 28.08
CA ASN A 133 -13.60 28.08 28.75
C ASN A 133 -14.80 28.30 27.83
N SER A 134 -14.55 28.61 26.56
CA SER A 134 -15.64 28.86 25.61
C SER A 134 -16.39 27.55 25.30
N GLY A 135 -17.68 27.54 25.61
CA GLY A 135 -18.49 26.31 25.51
C GLY A 135 -18.84 25.92 24.09
N LYS A 136 -18.69 24.64 23.78
CA LYS A 136 -18.94 24.14 22.42
C LYS A 136 -20.43 23.97 22.14
N THR A 137 -21.19 23.45 23.11
CA THR A 137 -22.61 23.21 22.92
C THR A 137 -23.40 24.50 22.57
N PRO A 138 -23.15 25.60 23.30
CA PRO A 138 -23.83 26.84 22.93
C PRO A 138 -23.43 27.37 21.56
N LEU A 139 -22.17 27.17 21.17
CA LEU A 139 -21.69 27.60 19.87
C LEU A 139 -22.39 26.83 18.74
N VAL A 140 -22.45 25.50 18.84
CA VAL A 140 -23.06 24.72 17.75
C VAL A 140 -24.52 25.09 17.53
N HIS A 141 -25.25 25.36 18.62
CA HIS A 141 -26.65 25.78 18.49
C HIS A 141 -26.78 27.20 17.93
N ALA A 142 -25.89 28.09 18.31
CA ALA A 142 -25.87 29.45 17.76
C ALA A 142 -25.57 29.41 16.25
N LEU A 143 -24.62 28.58 15.85
CA LEU A 143 -24.25 28.46 14.44
C LEU A 143 -25.39 27.81 13.65
N GLY A 144 -26.04 26.81 14.24
CA GLY A 144 -27.17 26.14 13.62
C GLY A 144 -28.30 27.11 13.30
N GLU A 145 -28.68 27.93 14.28
CA GLU A 145 -29.73 28.92 14.07
C GLU A 145 -29.32 29.94 13.02
N ALA A 146 -28.08 30.43 13.11
CA ALA A 146 -27.57 31.47 12.21
C ALA A 146 -27.52 31.01 10.75
N LEU A 147 -26.99 29.82 10.50
CA LEU A 147 -26.89 29.30 9.14
C LEU A 147 -28.24 28.79 8.64
N GLY A 148 -29.10 28.37 9.57
CA GLY A 148 -30.48 28.01 9.23
C GLY A 148 -31.20 29.17 8.58
N GLY A 149 -31.01 30.37 9.14
CA GLY A 149 -31.57 31.60 8.56
C GLY A 149 -33.08 31.62 8.64
N LYS A 150 -33.72 31.50 7.48
CA LYS A 150 -35.19 31.41 7.40
C LYS A 150 -35.71 30.03 7.82
N ASP A 151 -34.82 29.03 7.83
CA ASP A 151 -35.20 27.64 8.11
C ASP A 151 -34.75 27.21 9.51
N LYS A 152 -35.52 26.30 10.10
CA LYS A 152 -35.11 25.64 11.33
C LYS A 152 -33.93 24.72 11.06
N TYR A 153 -33.10 24.53 12.08
CA TYR A 153 -32.00 23.56 12.00
C TYR A 153 -32.39 22.31 12.76
N ALA A 154 -31.80 21.19 12.34
CA ALA A 154 -32.07 19.89 12.93
C ALA A 154 -30.99 19.56 13.95
N THR A 155 -31.39 19.02 15.09
CA THR A 155 -30.44 18.63 16.14
C THR A 155 -30.42 17.13 16.34
N VAL A 156 -29.23 16.55 16.16
CA VAL A 156 -28.99 15.14 16.47
C VAL A 156 -28.23 15.09 17.78
N ARG A 157 -28.81 14.41 18.76
CA ARG A 157 -28.22 14.30 20.10
C ARG A 157 -27.67 12.91 20.33
N PHE A 158 -26.45 12.82 20.84
CA PHE A 158 -25.79 11.54 21.03
C PHE A 158 -24.74 11.59 22.14
N GLY A 159 -24.82 10.62 23.05
CA GLY A 159 -23.73 10.28 23.93
C GLY A 159 -23.39 11.25 25.04
N GLU A 160 -24.36 11.99 25.54
CA GLU A 160 -24.16 12.84 26.72
C GLU A 160 -25.04 12.32 27.86
N PRO A 161 -24.60 12.48 29.12
CA PRO A 161 -25.34 11.95 30.27
C PRO A 161 -26.46 12.88 30.73
N LEU A 162 -27.40 13.15 29.81
CA LEU A 162 -28.51 14.08 30.05
C LEU A 162 -29.81 13.43 29.57
N SER A 163 -30.94 13.97 30.00
CA SER A 163 -32.24 13.34 29.72
C SER A 163 -32.51 13.25 28.22
N GLY A 164 -33.06 12.11 27.82
CA GLY A 164 -33.50 11.89 26.44
C GLY A 164 -32.41 11.70 25.40
N TYR A 165 -31.15 11.63 25.82
CA TYR A 165 -30.04 11.43 24.88
C TYR A 165 -29.92 9.97 24.50
N ASN A 166 -30.00 9.70 23.20
CA ASN A 166 -29.62 8.41 22.67
C ASN A 166 -28.12 8.17 22.89
N THR A 167 -27.76 6.94 23.24
CA THR A 167 -26.36 6.55 23.39
C THR A 167 -26.01 5.30 22.55
N ASP A 168 -26.95 4.88 21.71
CA ASP A 168 -26.79 3.71 20.85
C ASP A 168 -26.34 4.17 19.46
N PHE A 169 -25.15 3.75 19.03
CA PHE A 169 -24.55 4.22 17.77
C PHE A 169 -25.45 3.97 16.55
N ASN A 170 -26.16 2.84 16.55
CA ASN A 170 -27.01 2.52 15.39
C ASN A 170 -28.23 3.44 15.25
N VAL A 171 -28.76 3.91 16.37
CA VAL A 171 -29.80 4.94 16.34
C VAL A 171 -29.21 6.28 15.84
N PHE A 172 -27.99 6.56 16.27
CA PHE A 172 -27.25 7.76 15.86
C PHE A 172 -27.13 7.88 14.35
N VAL A 173 -26.67 6.83 13.68
CA VAL A 173 -26.52 6.89 12.22
C VAL A 173 -27.87 6.97 11.50
N ASP A 174 -28.91 6.41 12.09
CA ASP A 174 -30.26 6.56 11.57
C ASP A 174 -30.70 8.03 11.63
N ASP A 175 -30.45 8.67 12.77
CA ASP A 175 -30.74 10.09 12.95
C ASP A 175 -29.98 10.94 11.93
N ILE A 176 -28.68 10.67 11.76
CA ILE A 176 -27.84 11.45 10.85
C ILE A 176 -28.30 11.31 9.41
N ALA A 177 -28.61 10.08 9.01
CA ALA A 177 -29.08 9.80 7.65
C ALA A 177 -30.36 10.58 7.33
N ARG A 178 -31.33 10.49 8.24
CA ARG A 178 -32.59 11.23 8.10
C ARG A 178 -32.37 12.74 8.05
N ALA A 179 -31.48 13.24 8.92
CA ALA A 179 -31.17 14.65 8.96
C ALA A 179 -30.62 15.16 7.62
N MET A 180 -29.65 14.44 7.07
CA MET A 180 -29.02 14.84 5.81
C MET A 180 -29.97 14.69 4.62
N LEU A 181 -30.89 13.73 4.71
CA LEU A 181 -31.89 13.56 3.66
C LEU A 181 -32.93 14.68 3.65
N GLN A 182 -33.14 15.33 4.79
CA GLN A 182 -34.29 16.24 4.93
C GLN A 182 -33.97 17.68 5.34
N HIS A 183 -32.74 17.99 5.73
CA HIS A 183 -32.41 19.32 6.26
C HIS A 183 -31.05 19.85 5.83
N ARG A 184 -31.00 21.16 5.57
CA ARG A 184 -29.78 21.83 5.11
C ARG A 184 -28.80 22.12 6.25
N VAL A 185 -29.32 22.36 7.45
CA VAL A 185 -28.48 22.71 8.60
C VAL A 185 -28.73 21.74 9.74
N ILE A 186 -27.66 21.05 10.14
CA ILE A 186 -27.74 19.95 11.09
C ILE A 186 -26.69 20.17 12.18
N VAL A 187 -27.09 20.00 13.43
CA VAL A 187 -26.19 20.07 14.57
C VAL A 187 -26.06 18.67 15.17
N ILE A 188 -24.83 18.24 15.44
CA ILE A 188 -24.58 17.01 16.19
C ILE A 188 -23.93 17.36 17.53
N ASP A 189 -24.59 16.96 18.62
CA ASP A 189 -24.05 17.09 19.97
C ASP A 189 -24.19 15.72 20.66
N SER A 190 -23.12 14.93 20.77
CA SER A 190 -21.77 15.28 20.33
C SER A 190 -21.04 14.09 19.71
N LEU A 191 -19.86 14.36 19.17
CA LEU A 191 -19.03 13.37 18.51
C LEU A 191 -18.11 12.63 19.49
N LYS A 192 -18.15 12.99 20.77
CA LYS A 192 -17.25 12.40 21.78
C LYS A 192 -17.22 10.88 21.81
N ASN A 193 -18.40 10.26 21.78
CA ASN A 193 -18.50 8.80 21.88
C ASN A 193 -18.17 8.06 20.59
N VAL A 194 -18.19 8.75 19.45
CA VAL A 194 -17.75 8.13 18.20
C VAL A 194 -16.21 8.06 18.22
N ILE A 195 -15.59 9.11 18.77
CA ILE A 195 -14.15 9.16 18.98
C ILE A 195 -13.77 8.29 20.18
N ILE A 207 -12.09 1.73 18.77
CA ILE A 207 -13.13 2.40 17.99
C ILE A 207 -13.77 1.42 17.00
N SER A 208 -15.09 1.46 16.91
CA SER A 208 -15.85 0.54 16.07
C SER A 208 -15.64 0.84 14.59
N ARG A 209 -15.86 -0.16 13.75
CA ARG A 209 -15.80 0.03 12.29
C ARG A 209 -16.79 1.10 11.85
N GLY A 210 -17.99 1.08 12.42
CA GLY A 210 -19.02 2.08 12.14
C GLY A 210 -18.58 3.50 12.46
N ALA A 211 -17.93 3.68 13.61
CA ALA A 211 -17.44 4.99 14.03
C ALA A 211 -16.36 5.50 13.08
N PHE A 212 -15.44 4.60 12.70
CA PHE A 212 -14.40 4.92 11.73
C PHE A 212 -15.01 5.28 10.37
N ASP A 213 -16.00 4.51 9.94
CA ASP A 213 -16.71 4.79 8.68
C ASP A 213 -17.35 6.18 8.73
N LEU A 214 -18.03 6.48 9.83
CA LEU A 214 -18.74 7.75 9.95
C LEU A 214 -17.80 8.95 9.82
N LEU A 215 -16.70 8.92 10.57
CA LEU A 215 -15.70 9.99 10.51
C LEU A 215 -15.14 10.16 9.10
N SER A 216 -14.93 9.06 8.39
CA SER A 216 -14.38 9.10 7.04
C SER A 216 -15.42 9.48 5.97
N ASP A 217 -16.70 9.22 6.24
CA ASP A 217 -17.76 9.37 5.24
C ASP A 217 -18.54 10.69 5.31
N ILE A 218 -18.76 11.20 6.53
CA ILE A 218 -19.80 12.23 6.75
C ILE A 218 -19.54 13.56 6.02
N GLY A 219 -18.30 14.02 6.00
CA GLY A 219 -17.95 15.27 5.31
C GLY A 219 -18.30 15.24 3.82
N ALA A 220 -17.90 14.17 3.15
CA ALA A 220 -18.20 14.00 1.72
C ALA A 220 -19.70 13.84 1.49
N MET A 221 -20.37 13.07 2.36
CA MET A 221 -21.82 12.92 2.27
C MET A 221 -22.52 14.29 2.33
N ALA A 222 -22.14 15.10 3.31
CA ALA A 222 -22.76 16.41 3.53
C ALA A 222 -22.45 17.40 2.41
N ALA A 223 -21.18 17.46 1.99
CA ALA A 223 -20.78 18.36 0.90
C ALA A 223 -21.48 18.00 -0.41
N SER A 224 -21.66 16.70 -0.66
CA SER A 224 -22.36 16.24 -1.86
C SER A 224 -23.83 16.67 -1.85
N ARG A 225 -24.44 16.62 -0.66
CA ARG A 225 -25.84 17.05 -0.49
C ARG A 225 -25.97 18.57 -0.51
N GLY A 226 -24.94 19.27 -0.04
CA GLY A 226 -25.01 20.71 0.16
C GLY A 226 -25.60 21.10 1.50
N CYS A 227 -25.63 20.15 2.44
CA CYS A 227 -26.03 20.45 3.81
C CYS A 227 -24.79 20.61 4.67
N VAL A 228 -24.95 21.29 5.81
CA VAL A 228 -23.85 21.47 6.75
C VAL A 228 -24.14 20.68 8.02
N VAL A 229 -23.15 19.92 8.47
CA VAL A 229 -23.22 19.16 9.71
C VAL A 229 -22.26 19.83 10.69
N ILE A 230 -22.81 20.41 11.74
CA ILE A 230 -22.07 21.16 12.74
C ILE A 230 -21.93 20.28 13.97
N ALA A 231 -20.73 19.73 14.18
CA ALA A 231 -20.52 18.70 15.20
C ALA A 231 -19.58 19.18 16.29
N SER A 232 -20.02 19.10 17.54
CA SER A 232 -19.16 19.41 18.67
C SER A 232 -18.25 18.24 18.98
N LEU A 233 -16.99 18.55 19.27
CA LEU A 233 -16.00 17.54 19.62
C LEU A 233 -15.04 18.09 20.68
N ASN A 234 -15.21 17.63 21.91
CA ASN A 234 -14.31 18.00 23.00
C ASN A 234 -13.08 17.11 23.02
N PRO A 235 -11.87 17.72 22.99
CA PRO A 235 -10.63 16.93 23.04
C PRO A 235 -10.28 16.49 24.46
N ILE A 242 -6.03 9.45 21.72
CA ILE A 242 -7.34 10.05 21.45
C ILE A 242 -7.23 11.50 20.95
N VAL A 243 -6.35 12.28 21.57
CA VAL A 243 -6.10 13.68 21.18
C VAL A 243 -5.62 13.80 19.72
N GLU A 244 -4.81 12.86 19.27
CA GLU A 244 -4.33 12.86 17.89
C GLU A 244 -5.42 12.49 16.89
N LEU A 245 -6.37 11.67 17.32
CA LEU A 245 -7.52 11.34 16.50
C LEU A 245 -8.48 12.53 16.38
N VAL A 246 -8.58 13.32 17.44
CA VAL A 246 -9.33 14.59 17.39
C VAL A 246 -8.64 15.56 16.41
N LYS A 247 -7.32 15.62 16.47
CA LYS A 247 -6.53 16.46 15.56
C LYS A 247 -6.70 16.04 14.10
N GLU A 248 -6.64 14.74 13.83
CA GLU A 248 -6.72 14.24 12.45
C GLU A 248 -8.14 14.38 11.89
N ALA A 249 -9.14 14.13 12.73
CA ALA A 249 -10.53 14.35 12.34
C ALA A 249 -10.76 15.82 12.01
N SER A 250 -10.18 16.70 12.83
CA SER A 250 -10.27 18.14 12.62
C SER A 250 -9.45 18.59 11.40
N ARG A 251 -8.31 17.94 11.19
CA ARG A 251 -7.41 18.30 10.08
C ARG A 251 -7.94 17.79 8.74
N SER A 252 -8.32 16.52 8.69
CA SER A 252 -8.52 15.82 7.42
C SER A 252 -9.96 15.37 7.12
N ASN A 253 -10.80 15.25 8.15
CA ASN A 253 -12.18 14.77 7.94
C ASN A 253 -13.22 15.88 7.94
N SER A 254 -12.80 17.13 8.17
CA SER A 254 -13.73 18.25 8.23
C SER A 254 -13.56 19.21 7.05
N THR A 255 -14.68 19.69 6.53
CA THR A 255 -14.67 20.71 5.48
C THR A 255 -14.31 22.07 6.08
N SER A 256 -14.84 22.34 7.27
CA SER A 256 -14.51 23.55 8.01
C SER A 256 -14.23 23.21 9.47
N LEU A 257 -13.50 24.09 10.15
CA LEU A 257 -13.17 23.94 11.55
C LEU A 257 -13.52 25.24 12.27
N VAL A 258 -14.19 25.13 13.42
CA VAL A 258 -14.44 26.28 14.29
C VAL A 258 -13.77 25.98 15.62
N ILE A 259 -12.75 26.77 15.96
CA ILE A 259 -11.93 26.47 17.11
C ILE A 259 -11.88 27.66 18.07
N SER A 260 -11.98 27.39 19.36
CA SER A 260 -11.93 28.45 20.37
C SER A 260 -10.51 29.00 20.45
N THR A 261 -10.40 30.24 20.93
CA THR A 261 -9.12 30.93 21.00
C THR A 261 -8.76 31.21 22.46
N ASP A 262 -7.68 31.97 22.65
CA ASP A 262 -7.25 32.44 23.97
C ASP A 262 -8.27 33.34 24.66
N VAL A 263 -9.06 34.06 23.87
CA VAL A 263 -9.99 35.07 24.40
C VAL A 263 -11.38 34.46 24.54
N ASP A 264 -11.95 34.61 25.73
CA ASP A 264 -13.27 34.02 26.01
C ASP A 264 -14.33 34.60 25.07
N GLY A 265 -15.13 33.70 24.49
CA GLY A 265 -16.20 34.09 23.57
C GLY A 265 -15.77 34.19 22.11
N GLU A 266 -14.47 34.12 21.85
CA GLU A 266 -13.94 34.30 20.50
C GLU A 266 -13.59 32.98 19.84
N TRP A 267 -13.95 32.85 18.56
CA TRP A 267 -13.74 31.63 17.80
C TRP A 267 -13.10 31.97 16.45
N GLN A 268 -12.32 31.02 15.94
CA GLN A 268 -11.75 31.14 14.59
C GLN A 268 -12.39 30.11 13.68
N VAL A 269 -12.86 30.57 12.52
CA VAL A 269 -13.47 29.69 11.52
C VAL A 269 -12.48 29.49 10.39
N LEU A 270 -12.16 28.24 10.08
CA LEU A 270 -11.24 27.90 9.01
C LEU A 270 -11.99 27.05 7.99
N THR A 271 -12.09 27.54 6.75
CA THR A 271 -12.94 26.94 5.73
C THR A 271 -12.14 26.46 4.53
N ARG A 272 -12.27 25.17 4.19
CA ARG A 272 -11.80 24.66 2.89
C ARG A 272 -12.83 25.06 1.84
N THR A 273 -12.44 25.92 0.90
CA THR A 273 -13.37 26.48 -0.07
C THR A 273 -13.57 25.62 -1.31
N GLY A 274 -12.75 24.57 -1.44
CA GLY A 274 -12.91 23.63 -2.53
C GLY A 274 -11.62 22.89 -2.83
N GLU A 275 -11.72 21.94 -3.75
CA GLU A 275 -10.59 21.12 -4.15
C GLU A 275 -9.46 21.97 -4.71
N GLY A 276 -8.31 21.91 -4.04
CA GLY A 276 -7.13 22.66 -4.45
C GLY A 276 -7.22 24.17 -4.27
N LEU A 277 -8.29 24.64 -3.63
CA LEU A 277 -8.50 26.07 -3.45
C LEU A 277 -7.99 26.53 -2.09
N GLN A 278 -7.98 27.84 -1.87
CA GLN A 278 -7.41 28.39 -0.65
C GLN A 278 -8.29 28.12 0.57
N ARG A 279 -7.65 27.87 1.71
CA ARG A 279 -8.37 27.81 2.98
C ARG A 279 -8.49 29.24 3.51
N LEU A 280 -9.69 29.62 3.89
CA LEU A 280 -9.96 30.97 4.39
C LEU A 280 -10.20 30.95 5.88
N THR A 281 -9.98 32.09 6.52
CA THR A 281 -10.20 32.23 7.96
C THR A 281 -10.88 33.54 8.31
N HIS A 282 -11.76 33.49 9.31
CA HIS A 282 -12.30 34.70 9.93
C HIS A 282 -12.61 34.41 11.39
N THR A 283 -12.84 35.47 12.16
CA THR A 283 -13.07 35.36 13.59
C THR A 283 -14.51 35.68 13.94
N LEU A 284 -15.02 35.02 14.98
CA LEU A 284 -16.36 35.25 15.49
C LEU A 284 -16.26 35.78 16.93
N GLN A 285 -17.06 36.78 17.24
CA GLN A 285 -17.25 37.24 18.61
C GLN A 285 -18.63 36.82 19.07
N THR A 286 -18.74 36.37 20.32
CA THR A 286 -20.00 35.85 20.86
C THR A 286 -20.27 36.36 22.27
N SER A 287 -21.53 36.29 22.68
CA SER A 287 -21.92 36.61 24.05
C SER A 287 -23.18 35.86 24.44
N TYR A 288 -23.36 35.67 25.75
CA TYR A 288 -24.52 34.96 26.28
C TYR A 288 -25.65 35.91 26.65
N GLY A 289 -26.89 35.46 26.41
CA GLY A 289 -28.09 36.11 26.91
C GLY A 289 -28.68 35.27 28.02
N GLU A 290 -30.00 35.25 28.12
CA GLU A 290 -30.69 34.49 29.17
C GLU A 290 -30.63 32.98 28.91
N HIS A 291 -30.56 32.20 29.99
CA HIS A 291 -30.50 30.73 29.95
C HIS A 291 -29.40 30.21 29.02
N SER A 292 -28.27 30.90 29.01
CA SER A 292 -27.08 30.48 28.25
C SER A 292 -27.27 30.42 26.74
N VAL A 293 -28.23 31.17 26.21
CA VAL A 293 -28.38 31.27 24.75
C VAL A 293 -27.27 32.17 24.22
N LEU A 294 -26.45 31.62 23.32
CA LEU A 294 -25.34 32.35 22.74
C LEU A 294 -25.75 33.07 21.47
N THR A 295 -25.27 34.30 21.32
CA THR A 295 -25.43 35.08 20.09
C THR A 295 -24.08 35.30 19.45
N ILE A 296 -24.01 35.07 18.14
CA ILE A 296 -22.82 35.38 17.36
C ILE A 296 -22.97 36.80 16.83
N HIS A 297 -22.01 37.66 17.15
CA HIS A 297 -22.07 39.07 16.75
C HIS A 297 -21.83 39.24 15.26
N THR A 298 -22.42 40.30 14.70
CA THR A 298 -22.32 40.59 13.28
C THR A 298 -21.80 42.02 13.08
N GLN A 313 -11.69 38.84 2.64
CA GLN A 313 -11.29 37.47 2.93
C GLN A 313 -9.79 37.36 3.20
N THR A 314 -9.42 36.54 4.19
CA THR A 314 -8.01 36.34 4.54
C THR A 314 -7.66 34.85 4.44
N VAL A 315 -6.57 34.55 3.74
CA VAL A 315 -6.14 33.17 3.51
C VAL A 315 -5.27 32.67 4.66
N ILE A 316 -5.37 31.37 4.96
CA ILE A 316 -4.54 30.73 5.98
C ILE A 316 -3.76 29.57 5.36
N LYS A 317 -2.45 29.57 5.57
CA LYS A 317 -1.56 28.56 4.99
C LYS A 317 -1.47 27.33 5.88
N ASN A 318 -0.84 26.26 5.37
CA ASN A 318 -0.77 24.99 6.07
C ASN A 318 -0.01 25.05 7.40
N ASP A 319 1.06 25.84 7.45
CA ASP A 319 1.84 25.99 8.69
C ASP A 319 1.06 26.71 9.78
N GLU A 320 0.26 27.70 9.38
CA GLU A 320 -0.63 28.41 10.29
C GLU A 320 -1.76 27.49 10.75
N LEU A 321 -2.23 26.63 9.83
CA LEU A 321 -3.26 25.66 10.14
C LEU A 321 -2.77 24.67 11.21
N GLU A 322 -1.56 24.15 11.03
CA GLU A 322 -0.95 23.26 12.02
C GLU A 322 -0.76 23.96 13.37
N SER A 323 -0.37 25.22 13.33
CA SER A 323 -0.23 26.03 14.54
C SER A 323 -1.55 26.11 15.32
N VAL A 324 -2.66 26.23 14.60
CA VAL A 324 -3.99 26.23 15.20
C VAL A 324 -4.30 24.86 15.84
N LEU A 325 -3.99 23.79 15.12
CA LEU A 325 -4.22 22.43 15.65
C LEU A 325 -3.40 22.11 16.89
N ARG A 326 -2.19 22.67 17.00
CA ARG A 326 -1.34 22.46 18.19
C ARG A 326 -2.02 22.87 19.49
N ARG A 327 -2.93 23.84 19.41
CA ARG A 327 -3.63 24.34 20.60
C ARG A 327 -4.56 23.29 21.24
N LEU A 328 -4.92 22.26 20.48
CA LEU A 328 -5.74 21.15 20.99
C LEU A 328 -4.93 20.22 21.91
N MET B 1 7.67 -14.88 -12.40
CA MET B 1 8.42 -16.18 -12.36
C MET B 1 9.85 -15.96 -11.87
N ILE B 2 10.57 -17.05 -11.66
CA ILE B 2 12.00 -16.95 -11.33
C ILE B 2 12.81 -16.85 -12.60
N HIS B 3 13.94 -16.16 -12.53
CA HIS B 3 14.85 -15.99 -13.66
C HIS B 3 16.26 -16.39 -13.29
N LEU B 4 16.95 -17.05 -14.22
CA LEU B 4 18.32 -17.50 -14.00
C LEU B 4 19.29 -16.60 -14.74
N TYR B 5 20.42 -16.28 -14.12
CA TYR B 5 21.44 -15.42 -14.75
C TYR B 5 22.85 -15.97 -14.57
N ASP B 6 23.70 -15.70 -15.54
CA ASP B 6 25.14 -15.73 -15.37
C ASP B 6 25.64 -14.29 -15.59
N ALA B 7 26.94 -14.07 -15.51
CA ALA B 7 27.49 -12.72 -15.67
C ALA B 7 27.04 -12.05 -16.96
N LYS B 8 27.05 -12.80 -18.06
CA LYS B 8 26.73 -12.22 -19.36
C LYS B 8 25.24 -11.85 -19.50
N SER B 9 24.33 -12.74 -19.10
CA SER B 9 22.89 -12.44 -19.18
C SER B 9 22.49 -11.37 -18.16
N PHE B 10 23.14 -11.33 -17.01
CA PHE B 10 22.87 -10.27 -16.03
C PHE B 10 23.26 -8.90 -16.56
N ALA B 11 24.44 -8.79 -17.16
CA ALA B 11 24.88 -7.54 -17.75
C ALA B 11 23.91 -7.07 -18.84
N LYS B 12 23.40 -8.00 -19.63
CA LYS B 12 22.41 -7.68 -20.66
C LYS B 12 21.11 -7.14 -20.05
N LEU B 13 20.66 -7.76 -18.97
CA LEU B 13 19.47 -7.30 -18.26
C LEU B 13 19.63 -5.86 -17.77
N ARG B 14 20.75 -5.57 -17.11
CA ARG B 14 21.00 -4.23 -16.57
C ARG B 14 21.04 -3.18 -17.68
N ALA B 15 21.63 -3.54 -18.83
CA ALA B 15 21.66 -2.64 -19.99
C ALA B 15 20.23 -2.36 -20.49
N ALA B 16 19.39 -3.40 -20.53
CA ALA B 16 18.01 -3.27 -20.97
C ALA B 16 17.18 -2.44 -19.98
N GLN B 17 17.40 -2.66 -18.68
CA GLN B 17 16.72 -1.87 -17.65
C GLN B 17 17.11 -0.40 -17.73
N TYR B 18 18.40 -0.14 -17.89
CA TYR B 18 18.90 1.22 -18.08
C TYR B 18 18.21 1.90 -19.27
N ALA B 19 18.13 1.18 -20.38
CA ALA B 19 17.50 1.70 -21.60
C ALA B 19 16.01 1.99 -21.40
N ALA B 20 15.33 1.13 -20.65
CA ALA B 20 13.90 1.26 -20.41
C ALA B 20 13.52 2.60 -19.79
N PHE B 21 14.45 3.18 -19.02
CA PHE B 21 14.25 4.53 -18.49
C PHE B 21 14.91 5.61 -19.35
N HIS B 22 16.19 5.41 -19.69
CA HIS B 22 17.02 6.48 -20.26
C HIS B 22 16.87 6.73 -21.75
N THR B 23 16.61 5.70 -22.55
CA THR B 23 16.68 5.84 -24.00
C THR B 23 15.43 5.42 -24.78
N ASP B 24 14.57 4.58 -24.19
CA ASP B 24 13.30 4.24 -24.85
C ASP B 24 12.47 5.50 -25.07
N ALA B 25 11.65 5.48 -26.12
CA ALA B 25 10.75 6.59 -26.38
C ALA B 25 9.77 6.70 -25.22
N PRO B 26 9.58 7.92 -24.67
CA PRO B 26 8.64 8.07 -23.55
C PRO B 26 7.24 7.55 -23.87
N GLY B 27 6.67 6.76 -22.97
CA GLY B 27 5.35 6.18 -23.16
C GLY B 27 5.31 4.94 -24.06
N SER B 28 6.46 4.51 -24.58
CA SER B 28 6.52 3.34 -25.47
C SER B 28 6.09 2.05 -24.75
N TRP B 29 6.48 1.91 -23.49
CA TRP B 29 6.13 0.71 -22.75
C TRP B 29 4.61 0.59 -22.56
N PHE B 30 3.97 1.71 -22.21
CA PHE B 30 2.51 1.74 -22.09
C PHE B 30 1.84 1.27 -23.36
N ASP B 31 2.30 1.77 -24.50
CA ASP B 31 1.72 1.36 -25.79
C ASP B 31 1.95 -0.12 -26.06
N HIS B 32 3.11 -0.63 -25.66
CA HIS B 32 3.40 -2.06 -25.80
C HIS B 32 2.44 -2.91 -24.97
N THR B 33 2.25 -2.56 -23.70
CA THR B 33 1.37 -3.35 -22.84
C THR B 33 -0.11 -3.20 -23.22
N SER B 34 -0.48 -2.06 -23.80
CA SER B 34 -1.83 -1.90 -24.36
C SER B 34 -2.07 -2.93 -25.45
N GLY B 35 -1.07 -3.13 -26.31
CA GLY B 35 -1.11 -4.16 -27.34
C GLY B 35 -1.22 -5.56 -26.77
N VAL B 36 -0.47 -5.85 -25.70
CA VAL B 36 -0.53 -7.15 -25.05
C VAL B 36 -1.95 -7.40 -24.51
N LEU B 37 -2.49 -6.41 -23.80
CA LEU B 37 -3.84 -6.51 -23.25
C LEU B 37 -4.91 -6.68 -24.34
N GLU B 38 -4.78 -5.92 -25.42
CA GLU B 38 -5.69 -6.02 -26.56
C GLU B 38 -5.66 -7.40 -27.24
N SER B 39 -4.52 -8.09 -27.16
CA SER B 39 -4.36 -9.42 -27.78
C SER B 39 -4.96 -10.55 -26.95
N VAL B 40 -5.34 -10.26 -25.71
CA VAL B 40 -5.88 -11.26 -24.80
C VAL B 40 -7.25 -11.74 -25.30
N GLU B 41 -7.45 -13.06 -25.28
CA GLU B 41 -8.71 -13.65 -25.72
C GLU B 41 -9.88 -13.14 -24.88
N ASP B 42 -11.05 -13.04 -25.51
CA ASP B 42 -12.24 -12.51 -24.87
C ASP B 42 -12.58 -13.25 -23.58
N GLY B 43 -12.90 -12.48 -22.53
CA GLY B 43 -13.30 -13.04 -21.23
C GLY B 43 -12.18 -13.39 -20.27
N THR B 44 -10.93 -13.27 -20.74
CA THR B 44 -9.78 -13.67 -19.94
C THR B 44 -9.49 -12.64 -18.85
N PRO B 45 -9.31 -13.10 -17.59
CA PRO B 45 -8.87 -12.23 -16.50
C PRO B 45 -7.50 -11.64 -16.78
N VAL B 46 -7.33 -10.33 -16.58
CA VAL B 46 -6.03 -9.69 -16.77
C VAL B 46 -5.48 -9.01 -15.52
N LEU B 47 -6.35 -8.67 -14.56
CA LEU B 47 -5.91 -7.93 -13.37
C LEU B 47 -6.77 -8.29 -12.15
N ALA B 48 -6.09 -8.57 -11.04
CA ALA B 48 -6.76 -8.81 -9.76
C ALA B 48 -6.23 -7.81 -8.74
N ILE B 49 -7.16 -7.25 -7.96
CA ILE B 49 -6.81 -6.24 -6.97
C ILE B 49 -7.59 -6.50 -5.68
N GLY B 50 -6.94 -6.25 -4.54
CA GLY B 50 -7.53 -6.53 -3.23
C GLY B 50 -8.60 -5.55 -2.83
N VAL B 51 -9.72 -6.07 -2.33
CA VAL B 51 -10.75 -5.24 -1.72
C VAL B 51 -10.47 -5.15 -0.22
N GLU B 52 -11.27 -4.38 0.50
CA GLU B 52 -11.00 -4.05 1.90
C GLU B 52 -10.73 -5.29 2.77
N SER B 53 -11.52 -6.34 2.57
CA SER B 53 -11.42 -7.58 3.35
C SER B 53 -10.15 -8.38 3.11
N GLY B 54 -9.47 -8.13 1.99
CA GLY B 54 -8.31 -8.93 1.60
C GLY B 54 -8.64 -9.96 0.52
N ASP B 55 -9.93 -10.13 0.22
CA ASP B 55 -10.33 -10.86 -0.99
C ASP B 55 -9.91 -10.04 -2.20
N ALA B 56 -9.94 -10.65 -3.38
CA ALA B 56 -9.54 -9.95 -4.61
C ALA B 56 -10.68 -9.97 -5.62
N ILE B 57 -10.86 -8.84 -6.30
CA ILE B 57 -11.78 -8.76 -7.44
C ILE B 57 -10.98 -8.77 -8.74
N VAL B 58 -11.62 -9.22 -9.82
CA VAL B 58 -10.93 -9.54 -11.06
C VAL B 58 -11.55 -8.82 -12.26
N PHE B 59 -10.69 -8.31 -13.14
CA PHE B 59 -11.13 -7.52 -14.30
C PHE B 59 -10.61 -8.11 -15.61
N ASP B 60 -11.40 -7.92 -16.68
CA ASP B 60 -10.96 -8.26 -18.03
C ASP B 60 -10.29 -7.05 -18.69
N LYS B 61 -9.88 -7.22 -19.94
CA LYS B 61 -9.12 -6.18 -20.66
C LYS B 61 -9.90 -4.88 -20.86
N ASN B 62 -11.23 -4.98 -20.88
CA ASN B 62 -12.09 -3.81 -21.02
C ASN B 62 -12.48 -3.15 -19.69
N ALA B 63 -11.78 -3.53 -18.61
CA ALA B 63 -12.06 -3.04 -17.26
C ALA B 63 -13.47 -3.38 -16.77
N GLN B 64 -13.99 -4.51 -17.23
CA GLN B 64 -15.26 -5.03 -16.74
C GLN B 64 -14.96 -6.13 -15.74
N ARG B 65 -15.66 -6.09 -14.61
CA ARG B 65 -15.42 -7.06 -13.55
C ARG B 65 -15.92 -8.44 -13.96
N ILE B 66 -15.13 -9.46 -13.66
CA ILE B 66 -15.49 -10.84 -13.96
C ILE B 66 -16.13 -11.45 -12.72
N VAL B 67 -17.34 -11.98 -12.86
CA VAL B 67 -18.07 -12.56 -11.73
C VAL B 67 -17.89 -14.07 -11.64
N ALA B 68 -17.80 -14.74 -12.79
CA ALA B 68 -17.66 -16.19 -12.84
C ALA B 68 -16.67 -16.60 -13.92
N TYR B 69 -15.70 -17.43 -13.55
CA TYR B 69 -14.67 -17.88 -14.47
C TYR B 69 -14.18 -19.27 -14.04
N LYS B 70 -14.39 -20.25 -14.92
CA LYS B 70 -14.05 -21.64 -14.63
C LYS B 70 -12.54 -21.78 -14.44
N GLU B 71 -12.13 -22.62 -13.50
CA GLU B 71 -10.71 -22.86 -13.22
C GLU B 71 -9.94 -23.09 -14.53
N LYS B 72 -8.81 -22.39 -14.68
CA LYS B 72 -8.02 -22.45 -15.89
C LYS B 72 -6.54 -22.29 -15.53
N SER B 73 -5.70 -23.22 -15.98
CA SER B 73 -4.28 -23.24 -15.62
C SER B 73 -3.39 -22.93 -16.82
N VAL B 74 -2.28 -22.24 -16.56
CA VAL B 74 -1.30 -21.89 -17.58
C VAL B 74 0.11 -22.15 -17.04
N LYS B 75 0.89 -22.92 -17.79
CA LYS B 75 2.28 -23.23 -17.39
C LYS B 75 3.25 -22.18 -17.93
N ALA B 76 4.00 -21.55 -17.03
CA ALA B 76 4.97 -20.53 -17.40
C ALA B 76 6.27 -21.15 -17.91
N GLU B 77 7.21 -20.30 -18.32
CA GLU B 77 8.49 -20.74 -18.88
C GLU B 77 9.37 -21.45 -17.83
N ASP B 78 9.36 -20.94 -16.60
CA ASP B 78 10.19 -21.52 -15.52
C ASP B 78 9.62 -22.83 -14.96
N GLY B 79 8.45 -23.24 -15.42
CA GLY B 79 7.83 -24.49 -14.99
C GLY B 79 6.68 -24.28 -14.04
N SER B 80 6.55 -23.07 -13.50
CA SER B 80 5.48 -22.74 -12.58
C SER B 80 4.13 -22.74 -13.29
N VAL B 81 3.08 -23.04 -12.53
CA VAL B 81 1.72 -23.06 -13.04
C VAL B 81 0.95 -21.93 -12.37
N SER B 82 0.33 -21.08 -13.19
CA SER B 82 -0.58 -20.07 -12.69
C SER B 82 -2.00 -20.53 -12.95
N VAL B 83 -2.83 -20.54 -11.90
CA VAL B 83 -4.23 -20.94 -12.01
C VAL B 83 -5.09 -19.71 -11.74
N VAL B 84 -6.19 -19.58 -12.47
CA VAL B 84 -7.15 -18.51 -12.23
C VAL B 84 -8.56 -19.08 -12.17
N GLN B 85 -9.29 -18.73 -11.12
CA GLN B 85 -10.69 -19.10 -10.96
C GLN B 85 -11.43 -18.00 -10.23
N VAL B 86 -12.61 -17.65 -10.73
CA VAL B 86 -13.45 -16.62 -10.13
C VAL B 86 -14.82 -17.22 -9.85
N GLU B 87 -15.33 -16.98 -8.64
CA GLU B 87 -16.62 -17.50 -8.20
C GLU B 87 -17.35 -16.45 -7.38
N ASN B 88 -18.61 -16.20 -7.71
CA ASN B 88 -19.44 -15.21 -7.01
C ASN B 88 -18.79 -13.83 -6.88
N GLY B 89 -18.11 -13.40 -7.94
CA GLY B 89 -17.51 -12.08 -7.99
C GLY B 89 -16.17 -11.93 -7.30
N PHE B 90 -15.58 -13.04 -6.83
CA PHE B 90 -14.31 -12.99 -6.11
C PHE B 90 -13.34 -14.05 -6.60
N MET B 91 -12.05 -13.73 -6.54
CA MET B 91 -11.00 -14.65 -6.94
C MET B 91 -10.95 -15.83 -5.99
N LYS B 92 -11.10 -17.04 -6.52
CA LYS B 92 -11.02 -18.27 -5.74
C LYS B 92 -9.62 -18.87 -5.86
N GLN B 93 -9.05 -18.81 -7.06
CA GLN B 93 -7.65 -19.18 -7.29
C GLN B 93 -6.98 -18.10 -8.11
N GLY B 94 -5.71 -17.84 -7.80
CA GLY B 94 -4.92 -16.84 -8.52
C GLY B 94 -4.08 -16.01 -7.57
N HIS B 95 -3.64 -14.86 -8.04
CA HIS B 95 -2.84 -13.94 -7.24
C HIS B 95 -3.23 -12.50 -7.54
N ARG B 96 -2.88 -11.59 -6.64
CA ARG B 96 -3.09 -10.17 -6.88
C ARG B 96 -2.07 -9.67 -7.89
N GLY B 97 -2.48 -8.70 -8.70
CA GLY B 97 -1.60 -8.12 -9.73
C GLY B 97 -2.04 -8.52 -11.12
N TRP B 98 -1.13 -8.38 -12.08
CA TRP B 98 -1.42 -8.70 -13.48
C TRP B 98 -1.50 -10.22 -13.67
N LEU B 99 -2.58 -10.66 -14.28
CA LEU B 99 -2.84 -12.10 -14.50
C LEU B 99 -2.42 -12.56 -15.88
N VAL B 100 -1.93 -11.63 -16.69
CA VAL B 100 -1.27 -11.95 -17.95
C VAL B 100 0.14 -11.34 -17.90
N ASP B 101 1.05 -11.92 -18.67
CA ASP B 101 2.44 -11.50 -18.67
C ASP B 101 2.63 -10.26 -19.55
N LEU B 102 2.87 -9.11 -18.92
CA LEU B 102 3.14 -7.87 -19.63
C LEU B 102 4.64 -7.62 -19.84
N THR B 103 5.49 -8.36 -19.13
CA THR B 103 6.92 -8.02 -19.03
C THR B 103 7.87 -9.04 -19.65
N GLY B 104 7.56 -10.32 -19.52
CA GLY B 104 8.46 -11.37 -19.99
C GLY B 104 9.75 -11.38 -19.20
N GLU B 105 10.88 -11.52 -19.90
CA GLU B 105 12.19 -11.48 -19.24
C GLU B 105 12.55 -10.08 -18.77
N LEU B 106 11.95 -9.06 -19.35
CA LEU B 106 12.30 -7.67 -19.04
C LEU B 106 11.59 -7.23 -17.77
N VAL B 107 12.17 -7.57 -16.62
CA VAL B 107 11.62 -7.20 -15.31
C VAL B 107 12.56 -6.23 -14.60
N GLY B 108 12.06 -5.59 -13.54
CA GLY B 108 12.85 -4.66 -12.74
C GLY B 108 13.10 -3.30 -13.40
N CYS B 109 12.21 -2.90 -14.30
CA CYS B 109 12.32 -1.61 -14.98
C CYS B 109 11.46 -0.55 -14.32
N SER B 110 11.83 0.70 -14.57
CA SER B 110 11.00 1.85 -14.31
C SER B 110 10.74 2.51 -15.65
N PRO B 111 9.86 1.91 -16.48
CA PRO B 111 9.72 2.36 -17.87
C PRO B 111 9.35 3.84 -17.96
N VAL B 112 10.08 4.58 -18.79
CA VAL B 112 9.82 6.02 -18.94
C VAL B 112 8.37 6.25 -19.40
N VAL B 113 7.66 7.09 -18.66
CA VAL B 113 6.23 7.35 -18.94
C VAL B 113 6.03 8.62 -19.77
N ALA B 114 6.94 9.58 -19.60
CA ALA B 114 6.84 10.87 -20.27
C ALA B 114 8.13 11.65 -20.08
N GLU B 115 8.31 12.66 -20.92
CA GLU B 115 9.38 13.64 -20.74
C GLU B 115 8.74 15.01 -20.68
N PHE B 116 9.18 15.83 -19.73
CA PHE B 116 8.65 17.16 -19.53
C PHE B 116 9.74 18.06 -18.96
N GLY B 117 9.85 19.27 -19.52
CA GLY B 117 10.84 20.26 -19.05
C GLY B 117 12.28 19.79 -19.07
N GLY B 118 12.60 18.90 -20.01
CA GLY B 118 13.95 18.34 -20.13
C GLY B 118 14.26 17.20 -19.18
N HIS B 119 13.26 16.68 -18.48
CA HIS B 119 13.45 15.56 -17.56
C HIS B 119 12.54 14.40 -17.94
N ARG B 120 13.07 13.18 -17.84
CA ARG B 120 12.28 11.98 -18.00
C ARG B 120 11.66 11.58 -16.68
N TYR B 121 10.42 11.08 -16.74
CA TYR B 121 9.70 10.62 -15.56
C TYR B 121 9.37 9.14 -15.70
N ALA B 122 9.45 8.42 -14.59
CA ALA B 122 9.21 6.99 -14.56
C ALA B 122 7.74 6.67 -14.40
N SER B 123 7.32 5.56 -14.99
CA SER B 123 6.04 4.95 -14.64
C SER B 123 6.16 4.35 -13.23
N GLY B 124 5.08 3.76 -12.73
CA GLY B 124 5.04 3.23 -11.38
C GLY B 124 4.23 4.16 -10.49
N MET B 125 4.43 4.07 -9.18
CA MET B 125 3.77 4.98 -8.27
C MET B 125 4.68 6.14 -7.85
N VAL B 126 4.13 7.34 -7.95
CA VAL B 126 4.77 8.56 -7.49
C VAL B 126 3.99 9.08 -6.29
N ILE B 127 4.62 9.11 -5.12
CA ILE B 127 4.00 9.70 -3.95
C ILE B 127 4.40 11.17 -3.87
N VAL B 128 3.39 12.04 -3.74
CA VAL B 128 3.60 13.47 -3.59
C VAL B 128 3.30 13.83 -2.14
N THR B 129 4.31 14.31 -1.43
CA THR B 129 4.19 14.52 0.01
C THR B 129 5.12 15.62 0.52
N GLY B 130 5.25 15.72 1.84
CA GLY B 130 6.08 16.74 2.48
C GLY B 130 5.29 17.57 3.48
N LYS B 131 6.00 18.46 4.17
CA LYS B 131 5.37 19.43 5.07
C LYS B 131 5.54 20.83 4.49
N GLY B 132 5.04 21.83 5.20
CA GLY B 132 5.14 23.22 4.73
C GLY B 132 3.89 23.68 3.99
N ASN B 133 4.00 24.82 3.33
CA ASN B 133 2.84 25.49 2.73
C ASN B 133 2.52 25.13 1.28
N SER B 134 3.45 24.45 0.60
CA SER B 134 3.24 24.06 -0.79
C SER B 134 2.14 22.98 -0.90
N GLY B 135 1.07 23.29 -1.62
CA GLY B 135 -0.11 22.41 -1.68
C GLY B 135 0.09 21.17 -2.54
N LYS B 136 -0.34 20.02 -2.03
CA LYS B 136 -0.16 18.76 -2.75
C LYS B 136 -1.18 18.57 -3.86
N THR B 137 -2.43 18.93 -3.59
CA THR B 137 -3.50 18.74 -4.58
C THR B 137 -3.22 19.50 -5.90
N PRO B 138 -2.82 20.78 -5.82
CA PRO B 138 -2.47 21.48 -7.07
C PRO B 138 -1.27 20.88 -7.79
N LEU B 139 -0.29 20.36 -7.04
CA LEU B 139 0.88 19.72 -7.64
C LEU B 139 0.51 18.45 -8.41
N VAL B 140 -0.29 17.58 -7.80
CA VAL B 140 -0.63 16.31 -8.48
C VAL B 140 -1.38 16.55 -9.78
N HIS B 141 -2.25 17.56 -9.80
CA HIS B 141 -2.97 17.91 -11.02
C HIS B 141 -2.07 18.55 -12.08
N ALA B 142 -1.13 19.39 -11.64
CA ALA B 142 -0.16 19.98 -12.56
C ALA B 142 0.73 18.91 -13.18
N LEU B 143 1.16 17.94 -12.36
CA LEU B 143 2.01 16.84 -12.84
C LEU B 143 1.22 15.93 -13.78
N GLY B 144 -0.05 15.67 -13.45
CA GLY B 144 -0.92 14.87 -14.30
C GLY B 144 -1.07 15.44 -15.70
N GLU B 145 -1.36 16.74 -15.77
CA GLU B 145 -1.49 17.42 -17.05
C GLU B 145 -0.18 17.40 -17.82
N ALA B 146 0.92 17.71 -17.13
CA ALA B 146 2.24 17.79 -17.76
C ALA B 146 2.71 16.45 -18.34
N LEU B 147 2.59 15.38 -17.57
CA LEU B 147 3.01 14.06 -18.04
C LEU B 147 2.01 13.47 -19.03
N GLY B 148 0.74 13.87 -18.91
CA GLY B 148 -0.28 13.51 -19.88
C GLY B 148 0.10 13.96 -21.29
N GLY B 149 0.61 15.19 -21.38
CA GLY B 149 1.12 15.73 -22.65
C GLY B 149 -0.01 15.93 -23.64
N LYS B 150 -0.01 15.12 -24.69
CA LYS B 150 -1.08 15.14 -25.70
C LYS B 150 -2.35 14.45 -25.20
N ASP B 151 -2.23 13.65 -24.13
CA ASP B 151 -3.35 12.87 -23.61
C ASP B 151 -3.90 13.47 -22.32
N LYS B 152 -5.20 13.29 -22.12
CA LYS B 152 -5.84 13.62 -20.86
C LYS B 152 -5.34 12.68 -19.77
N TYR B 153 -5.31 13.16 -18.53
CA TYR B 153 -4.98 12.32 -17.38
C TYR B 153 -6.26 11.97 -16.66
N ALA B 154 -6.24 10.82 -16.00
CA ALA B 154 -7.39 10.31 -15.25
C ALA B 154 -7.26 10.67 -13.79
N THR B 155 -8.36 11.09 -13.17
CA THR B 155 -8.36 11.46 -11.75
C THR B 155 -9.23 10.50 -10.94
N VAL B 156 -8.60 9.86 -9.96
CA VAL B 156 -9.29 9.04 -8.98
C VAL B 156 -9.38 9.83 -7.69
N ARG B 157 -10.61 10.07 -7.22
CA ARG B 157 -10.86 10.86 -6.02
C ARG B 157 -11.29 9.94 -4.87
N PHE B 158 -10.70 10.12 -3.71
CA PHE B 158 -10.98 9.27 -2.57
C PHE B 158 -10.71 9.96 -1.24
N GLY B 159 -11.70 9.89 -0.34
CA GLY B 159 -11.50 10.15 1.07
C GLY B 159 -11.25 11.59 1.51
N GLU B 160 -11.79 12.56 0.79
CA GLU B 160 -11.74 13.96 1.21
C GLU B 160 -13.15 14.46 1.47
N PRO B 161 -13.31 15.39 2.42
CA PRO B 161 -14.64 15.88 2.80
C PRO B 161 -15.17 16.97 1.86
N LEU B 162 -15.27 16.62 0.57
CA LEU B 162 -15.69 17.54 -0.49
C LEU B 162 -16.74 16.85 -1.36
N SER B 163 -17.46 17.63 -2.17
CA SER B 163 -18.59 17.11 -2.93
C SER B 163 -18.14 16.02 -3.92
N GLY B 164 -18.95 14.97 -4.02
CA GLY B 164 -18.74 13.92 -5.00
C GLY B 164 -17.59 12.97 -4.74
N TYR B 165 -16.92 13.10 -3.60
CA TYR B 165 -15.81 12.21 -3.27
C TYR B 165 -16.31 10.88 -2.73
N ASN B 166 -15.94 9.80 -3.41
CA ASN B 166 -16.11 8.46 -2.87
C ASN B 166 -15.27 8.30 -1.62
N THR B 167 -15.82 7.62 -0.61
CA THR B 167 -15.08 7.30 0.62
C THR B 167 -15.09 5.81 0.93
N ASP B 168 -15.61 5.00 0.00
CA ASP B 168 -15.69 3.56 0.16
C ASP B 168 -14.49 2.90 -0.54
N PHE B 169 -13.67 2.19 0.24
CA PHE B 169 -12.43 1.60 -0.28
C PHE B 169 -12.64 0.67 -1.48
N ASN B 170 -13.74 -0.09 -1.47
CA ASN B 170 -13.99 -1.04 -2.57
C ASN B 170 -14.33 -0.37 -3.90
N VAL B 171 -14.95 0.80 -3.85
CA VAL B 171 -15.16 1.63 -5.05
C VAL B 171 -13.81 2.19 -5.51
N PHE B 172 -12.97 2.58 -4.56
CA PHE B 172 -11.64 3.12 -4.81
C PHE B 172 -10.79 2.15 -5.64
N VAL B 173 -10.71 0.89 -5.24
CA VAL B 173 -9.90 -0.08 -5.98
C VAL B 173 -10.48 -0.40 -7.37
N ASP B 174 -11.79 -0.31 -7.50
CA ASP B 174 -12.43 -0.43 -8.80
C ASP B 174 -12.00 0.72 -9.72
N ASP B 175 -12.03 1.95 -9.19
CA ASP B 175 -11.57 3.13 -9.92
C ASP B 175 -10.11 2.99 -10.36
N ILE B 176 -9.26 2.56 -9.44
CA ILE B 176 -7.82 2.41 -9.72
C ILE B 176 -7.56 1.35 -10.80
N ALA B 177 -8.23 0.22 -10.68
CA ALA B 177 -8.08 -0.87 -11.66
C ALA B 177 -8.44 -0.40 -13.06
N ARG B 178 -9.61 0.24 -13.19
CA ARG B 178 -10.07 0.79 -14.47
C ARG B 178 -9.09 1.83 -15.03
N ALA B 179 -8.60 2.70 -14.15
CA ALA B 179 -7.65 3.74 -14.53
C ALA B 179 -6.37 3.14 -15.13
N MET B 180 -5.80 2.16 -14.44
CA MET B 180 -4.57 1.52 -14.91
C MET B 180 -4.77 0.69 -16.18
N LEU B 181 -5.98 0.14 -16.34
CA LEU B 181 -6.29 -0.61 -17.54
C LEU B 181 -6.45 0.28 -18.78
N GLN B 182 -6.80 1.55 -18.56
CA GLN B 182 -7.20 2.41 -19.68
C GLN B 182 -6.40 3.70 -19.88
N HIS B 183 -5.53 4.08 -18.93
CA HIS B 183 -4.84 5.38 -19.02
C HIS B 183 -3.39 5.33 -18.55
N ARG B 184 -2.55 6.09 -19.25
CA ARG B 184 -1.12 6.16 -18.95
C ARG B 184 -0.78 7.06 -17.75
N VAL B 185 -1.59 8.10 -17.55
CA VAL B 185 -1.34 9.06 -16.48
C VAL B 185 -2.56 9.16 -15.57
N ILE B 186 -2.34 8.85 -14.30
CA ILE B 186 -3.41 8.72 -13.32
C ILE B 186 -3.04 9.52 -12.08
N VAL B 187 -4.01 10.29 -11.58
CA VAL B 187 -3.85 11.05 -10.34
C VAL B 187 -4.76 10.43 -9.28
N ILE B 188 -4.23 10.21 -8.08
CA ILE B 188 -5.04 9.80 -6.93
C ILE B 188 -5.01 10.93 -5.89
N ASP B 189 -6.19 11.44 -5.55
CA ASP B 189 -6.34 12.40 -4.46
C ASP B 189 -7.48 11.90 -3.55
N SER B 190 -7.18 11.30 -2.40
CA SER B 190 -5.84 11.13 -1.87
C SER B 190 -5.66 9.79 -1.17
N LEU B 191 -4.42 9.51 -0.77
CA LEU B 191 -4.05 8.25 -0.14
C LEU B 191 -4.23 8.31 1.39
N LYS B 192 -4.68 9.46 1.92
CA LYS B 192 -4.79 9.65 3.38
C LYS B 192 -5.58 8.55 4.10
N ASN B 193 -6.74 8.19 3.54
CA ASN B 193 -7.62 7.21 4.19
C ASN B 193 -7.18 5.76 4.02
N VAL B 194 -6.30 5.47 3.06
CA VAL B 194 -5.74 4.13 2.93
C VAL B 194 -4.69 3.96 4.04
N ILE B 195 -3.96 5.04 4.30
CA ILE B 195 -3.00 5.09 5.40
C ILE B 195 -3.74 5.26 6.72
N ILE B 207 -5.34 -0.62 10.02
CA ILE B 207 -5.35 -0.59 8.57
C ILE B 207 -5.84 -1.92 7.99
N SER B 208 -6.74 -1.84 7.01
CA SER B 208 -7.36 -3.02 6.42
C SER B 208 -6.36 -3.83 5.59
N ARG B 209 -6.66 -5.11 5.41
CA ARG B 209 -5.85 -5.97 4.53
C ARG B 209 -5.78 -5.41 3.12
N GLY B 210 -6.93 -4.92 2.63
CA GLY B 210 -7.00 -4.29 1.32
C GLY B 210 -6.09 -3.09 1.17
N ALA B 211 -6.09 -2.23 2.19
CA ALA B 211 -5.23 -1.04 2.18
C ALA B 211 -3.76 -1.42 2.17
N PHE B 212 -3.39 -2.40 2.99
CA PHE B 212 -2.03 -2.93 3.01
C PHE B 212 -1.65 -3.54 1.67
N ASP B 213 -2.56 -4.32 1.08
CA ASP B 213 -2.34 -4.90 -0.25
C ASP B 213 -2.09 -3.81 -1.29
N LEU B 214 -2.93 -2.76 -1.27
CA LEU B 214 -2.84 -1.69 -2.27
C LEU B 214 -1.47 -1.00 -2.22
N LEU B 215 -1.05 -0.62 -1.02
CA LEU B 215 0.24 0.03 -0.83
C LEU B 215 1.39 -0.86 -1.32
N SER B 216 1.30 -2.17 -1.07
CA SER B 216 2.33 -3.11 -1.49
C SER B 216 2.28 -3.46 -2.99
N ASP B 217 1.10 -3.33 -3.61
CA ASP B 217 0.88 -3.82 -4.98
C ASP B 217 0.98 -2.75 -6.07
N ILE B 218 0.54 -1.54 -5.76
CA ILE B 218 0.22 -0.55 -6.81
C ILE B 218 1.44 -0.11 -7.64
N GLY B 219 2.58 0.09 -6.99
CA GLY B 219 3.80 0.49 -7.70
C GLY B 219 4.22 -0.52 -8.76
N ALA B 220 4.26 -1.79 -8.39
CA ALA B 220 4.60 -2.86 -9.33
C ALA B 220 3.56 -3.00 -10.44
N MET B 221 2.28 -2.89 -10.08
CA MET B 221 1.19 -2.93 -11.07
C MET B 221 1.40 -1.85 -12.13
N ALA B 222 1.63 -0.62 -11.67
CA ALA B 222 1.77 0.53 -12.55
C ALA B 222 3.02 0.45 -13.41
N ALA B 223 4.15 0.09 -12.79
CA ALA B 223 5.41 -0.04 -13.53
C ALA B 223 5.35 -1.14 -14.59
N SER B 224 4.64 -2.23 -14.30
CA SER B 224 4.46 -3.33 -15.26
C SER B 224 3.65 -2.86 -16.45
N ARG B 225 2.64 -2.04 -16.21
CA ARG B 225 1.78 -1.48 -17.25
C ARG B 225 2.50 -0.38 -18.04
N GLY B 226 3.38 0.35 -17.37
CA GLY B 226 4.01 1.54 -17.95
C GLY B 226 3.16 2.79 -17.77
N CYS B 227 2.21 2.75 -16.84
CA CYS B 227 1.44 3.94 -16.46
C CYS B 227 2.01 4.54 -15.20
N VAL B 228 1.74 5.82 -14.96
CA VAL B 228 2.17 6.50 -13.75
C VAL B 228 0.96 6.82 -12.88
N VAL B 229 1.07 6.50 -11.60
CA VAL B 229 0.05 6.80 -10.61
C VAL B 229 0.62 7.87 -9.68
N ILE B 230 0.05 9.06 -9.75
CA ILE B 230 0.53 10.21 -9.00
C ILE B 230 -0.41 10.41 -7.80
N ALA B 231 0.07 10.06 -6.62
CA ALA B 231 -0.79 9.99 -5.43
C ALA B 231 -0.38 11.01 -4.38
N SER B 232 -1.31 11.84 -3.95
CA SER B 232 -1.05 12.77 -2.86
C SER B 232 -1.16 12.05 -1.52
N LEU B 233 -0.24 12.36 -0.62
CA LEU B 233 -0.23 11.78 0.71
C LEU B 233 0.25 12.82 1.73
N ASN B 234 -0.68 13.34 2.52
CA ASN B 234 -0.34 14.30 3.59
C ASN B 234 0.06 13.54 4.86
N PRO B 235 1.24 13.86 5.41
CA PRO B 235 1.69 13.23 6.64
C PRO B 235 1.05 13.85 7.88
N ILE B 242 1.62 6.55 12.47
CA ILE B 242 1.14 6.89 11.13
C ILE B 242 2.21 7.59 10.27
N VAL B 243 2.96 8.51 10.88
CA VAL B 243 4.05 9.22 10.20
C VAL B 243 5.13 8.27 9.66
N GLU B 244 5.43 7.21 10.40
CA GLU B 244 6.41 6.21 9.97
C GLU B 244 5.90 5.36 8.81
N LEU B 245 4.58 5.14 8.76
CA LEU B 245 3.94 4.46 7.63
C LEU B 245 3.99 5.31 6.37
N VAL B 246 3.86 6.61 6.54
CA VAL B 246 4.00 7.55 5.42
C VAL B 246 5.45 7.52 4.92
N LYS B 247 6.40 7.50 5.86
CA LYS B 247 7.82 7.40 5.51
C LYS B 247 8.17 6.11 4.77
N GLU B 248 7.64 4.99 5.24
CA GLU B 248 7.96 3.68 4.64
C GLU B 248 7.28 3.52 3.27
N ALA B 249 6.04 3.99 3.15
CA ALA B 249 5.35 4.00 1.87
C ALA B 249 6.11 4.87 0.86
N SER B 250 6.61 6.02 1.33
CA SER B 250 7.40 6.92 0.49
C SER B 250 8.79 6.34 0.20
N ARG B 251 9.35 5.63 1.16
CA ARG B 251 10.69 5.04 1.01
C ARG B 251 10.66 3.80 0.12
N SER B 252 9.74 2.88 0.40
CA SER B 252 9.83 1.53 -0.14
C SER B 252 8.71 1.11 -1.11
N ASN B 253 7.57 1.81 -1.08
CA ASN B 253 6.44 1.44 -1.95
C ASN B 253 6.28 2.33 -3.17
N SER B 254 7.12 3.35 -3.30
CA SER B 254 7.01 4.28 -4.43
C SER B 254 8.19 4.15 -5.39
N THR B 255 7.87 4.24 -6.68
CA THR B 255 8.89 4.25 -7.71
C THR B 255 9.59 5.62 -7.74
N SER B 256 8.81 6.68 -7.56
CA SER B 256 9.35 8.04 -7.46
C SER B 256 8.69 8.78 -6.30
N LEU B 257 9.36 9.81 -5.81
CA LEU B 257 8.87 10.63 -4.72
C LEU B 257 8.97 12.10 -5.15
N VAL B 258 7.91 12.86 -4.93
CA VAL B 258 7.94 14.31 -5.13
C VAL B 258 7.64 14.95 -3.78
N ILE B 259 8.62 15.66 -3.24
CA ILE B 259 8.51 16.17 -1.88
C ILE B 259 8.75 17.68 -1.85
N SER B 260 7.93 18.39 -1.08
CA SER B 260 8.07 19.83 -0.95
C SER B 260 9.35 20.17 -0.18
N THR B 261 9.86 21.37 -0.40
CA THR B 261 11.11 21.80 0.22
C THR B 261 10.87 22.99 1.16
N ASP B 262 11.96 23.56 1.66
CA ASP B 262 11.93 24.77 2.48
C ASP B 262 11.35 25.98 1.76
N VAL B 263 11.52 26.03 0.44
CA VAL B 263 11.14 27.19 -0.36
C VAL B 263 9.76 26.99 -0.95
N ASP B 264 8.88 27.96 -0.75
CA ASP B 264 7.51 27.84 -1.24
C ASP B 264 7.48 27.69 -2.76
N GLY B 265 6.68 26.74 -3.23
CA GLY B 265 6.54 26.47 -4.67
C GLY B 265 7.57 25.51 -5.24
N GLU B 266 8.58 25.16 -4.45
CA GLU B 266 9.68 24.32 -4.93
C GLU B 266 9.53 22.87 -4.46
N TRP B 267 9.79 21.93 -5.36
CA TRP B 267 9.65 20.52 -5.09
C TRP B 267 10.89 19.77 -5.55
N GLN B 268 11.20 18.67 -4.86
CA GLN B 268 12.28 17.78 -5.27
C GLN B 268 11.70 16.46 -5.76
N VAL B 269 12.14 16.04 -6.94
CA VAL B 269 11.71 14.78 -7.53
C VAL B 269 12.83 13.77 -7.38
N LEU B 270 12.53 12.63 -6.76
CA LEU B 270 13.51 11.56 -6.57
C LEU B 270 13.00 10.31 -7.27
N THR B 271 13.77 9.82 -8.24
CA THR B 271 13.31 8.76 -9.14
C THR B 271 14.18 7.52 -9.02
N ARG B 272 13.56 6.37 -8.72
CA ARG B 272 14.21 5.08 -8.90
C ARG B 272 14.17 4.72 -10.38
N THR B 273 15.35 4.67 -11.00
CA THR B 273 15.43 4.49 -12.46
C THR B 273 15.40 3.03 -12.89
N GLY B 274 15.48 2.12 -11.93
CA GLY B 274 15.37 0.70 -12.22
C GLY B 274 16.03 -0.15 -11.16
N GLU B 275 15.89 -1.46 -11.32
CA GLU B 275 16.43 -2.44 -10.39
C GLU B 275 17.95 -2.30 -10.27
N GLY B 276 18.41 -2.00 -9.05
CA GLY B 276 19.83 -1.84 -8.78
C GLY B 276 20.49 -0.62 -9.42
N LEU B 277 19.69 0.26 -10.03
CA LEU B 277 20.23 1.43 -10.72
C LEU B 277 20.20 2.66 -9.80
N GLN B 278 20.80 3.74 -10.28
CA GLN B 278 20.95 4.93 -9.45
C GLN B 278 19.63 5.65 -9.28
N ARG B 279 19.41 6.20 -8.09
CA ARG B 279 18.30 7.10 -7.86
C ARG B 279 18.72 8.50 -8.28
N LEU B 280 17.88 9.15 -9.10
CA LEU B 280 18.18 10.48 -9.61
C LEU B 280 17.31 11.52 -8.94
N THR B 281 17.78 12.77 -8.95
CA THR B 281 17.02 13.87 -8.37
C THR B 281 17.08 15.12 -9.26
N HIS B 282 15.96 15.84 -9.28
CA HIS B 282 15.93 17.18 -9.86
C HIS B 282 14.87 18.01 -9.14
N THR B 283 14.91 19.32 -9.35
CA THR B 283 14.02 20.24 -8.65
C THR B 283 13.00 20.84 -9.62
N LEU B 284 11.82 21.13 -9.08
CA LEU B 284 10.74 21.77 -9.83
C LEU B 284 10.43 23.11 -9.20
N GLN B 285 10.22 24.14 -10.04
CA GLN B 285 9.71 25.43 -9.60
C GLN B 285 8.28 25.56 -10.11
N THR B 286 7.39 26.12 -9.29
CA THR B 286 5.98 26.22 -9.62
C THR B 286 5.39 27.57 -9.24
N SER B 287 4.26 27.91 -9.85
CA SER B 287 3.52 29.12 -9.50
C SER B 287 2.04 28.96 -9.84
N TYR B 288 1.21 29.74 -9.14
CA TYR B 288 -0.23 29.70 -9.33
C TYR B 288 -0.71 30.74 -10.34
N GLY B 289 -1.71 30.36 -11.13
CA GLY B 289 -2.45 31.27 -11.99
C GLY B 289 -3.85 31.47 -11.42
N GLU B 290 -4.83 31.64 -12.28
CA GLU B 290 -6.21 31.87 -11.83
C GLU B 290 -6.86 30.60 -11.27
N HIS B 291 -7.72 30.77 -10.28
CA HIS B 291 -8.42 29.67 -9.60
C HIS B 291 -7.48 28.55 -9.10
N SER B 292 -6.31 28.96 -8.62
CA SER B 292 -5.34 28.05 -8.02
C SER B 292 -4.79 26.97 -8.97
N VAL B 293 -4.82 27.23 -10.27
CA VAL B 293 -4.21 26.32 -11.24
C VAL B 293 -2.70 26.50 -11.15
N LEU B 294 -1.99 25.42 -10.84
CA LEU B 294 -0.54 25.45 -10.70
C LEU B 294 0.14 25.14 -12.03
N THR B 295 1.19 25.89 -12.34
CA THR B 295 2.04 25.60 -13.49
C THR B 295 3.42 25.21 -13.00
N ILE B 296 3.95 24.14 -13.58
CA ILE B 296 5.32 23.72 -13.34
C ILE B 296 6.21 24.39 -14.37
N HIS B 297 7.20 25.15 -13.91
CA HIS B 297 8.08 25.91 -14.81
C HIS B 297 9.04 24.99 -15.56
N THR B 298 9.42 25.41 -16.76
CA THR B 298 10.31 24.64 -17.62
C THR B 298 11.52 25.50 -18.01
N GLN B 313 21.96 15.10 -15.32
CA GLN B 313 21.36 14.27 -14.27
C GLN B 313 22.25 14.25 -13.02
N THR B 314 21.62 14.31 -11.85
CA THR B 314 22.35 14.28 -10.59
C THR B 314 21.85 13.12 -9.73
N VAL B 315 22.80 12.32 -9.22
CA VAL B 315 22.48 11.13 -8.43
C VAL B 315 22.29 11.48 -6.96
N ILE B 316 21.40 10.76 -6.28
CA ILE B 316 21.18 10.94 -4.85
C ILE B 316 21.42 9.61 -4.12
N LYS B 317 22.26 9.65 -3.09
CA LYS B 317 22.62 8.43 -2.36
C LYS B 317 21.63 8.15 -1.23
N ASN B 318 21.76 6.99 -0.61
CA ASN B 318 20.81 6.53 0.42
C ASN B 318 20.76 7.43 1.66
N ASP B 319 21.92 7.95 2.08
CA ASP B 319 21.97 8.84 3.25
C ASP B 319 21.29 10.18 2.98
N GLU B 320 21.43 10.68 1.76
CA GLU B 320 20.75 11.90 1.32
C GLU B 320 19.24 11.65 1.19
N LEU B 321 18.88 10.44 0.76
CA LEU B 321 17.48 10.03 0.65
C LEU B 321 16.83 10.01 2.03
N GLU B 322 17.50 9.40 3.01
CA GLU B 322 16.99 9.40 4.38
C GLU B 322 16.88 10.81 4.95
N SER B 323 17.86 11.67 4.63
CA SER B 323 17.81 13.07 5.04
C SER B 323 16.55 13.78 4.52
N VAL B 324 16.16 13.46 3.28
CA VAL B 324 14.93 13.99 2.69
C VAL B 324 13.70 13.48 3.45
N LEU B 325 13.68 12.18 3.76
CA LEU B 325 12.56 11.58 4.50
C LEU B 325 12.40 12.12 5.92
N ARG B 326 13.51 12.50 6.56
CA ARG B 326 13.45 13.10 7.91
C ARG B 326 12.58 14.35 7.98
N ARG B 327 12.47 15.07 6.87
CA ARG B 327 11.70 16.31 6.81
C ARG B 327 10.19 16.07 7.00
N LEU B 328 9.74 14.84 6.78
CA LEU B 328 8.34 14.46 7.00
C LEU B 328 8.00 14.35 8.49
N MET C 1 14.26 -35.70 13.97
CA MET C 1 14.10 -36.66 15.09
C MET C 1 15.01 -36.29 16.26
N ILE C 2 14.88 -36.99 17.37
CA ILE C 2 15.80 -36.81 18.49
C ILE C 2 17.03 -37.70 18.26
N HIS C 3 18.17 -37.23 18.77
CA HIS C 3 19.41 -37.99 18.65
C HIS C 3 20.03 -38.15 20.03
N LEU C 4 20.61 -39.32 20.28
CA LEU C 4 21.26 -39.63 21.55
C LEU C 4 22.77 -39.58 21.37
N TYR C 5 23.48 -39.03 22.36
CA TYR C 5 24.94 -38.96 22.31
C TYR C 5 25.58 -39.35 23.63
N ASP C 6 26.78 -39.92 23.54
CA ASP C 6 27.73 -39.95 24.64
C ASP C 6 28.94 -39.12 24.20
N ALA C 7 29.96 -39.03 25.03
CA ALA C 7 31.14 -38.22 24.70
C ALA C 7 31.74 -38.60 23.34
N LYS C 8 31.85 -39.90 23.07
CA LYS C 8 32.50 -40.36 21.84
C LYS C 8 31.69 -40.04 20.58
N SER C 9 30.39 -40.32 20.60
CA SER C 9 29.54 -40.03 19.43
C SER C 9 29.36 -38.52 19.22
N PHE C 10 29.34 -37.75 20.32
CA PHE C 10 29.25 -36.30 20.20
C PHE C 10 30.49 -35.72 19.54
N ALA C 11 31.66 -36.17 19.96
CA ALA C 11 32.93 -35.73 19.36
C ALA C 11 32.95 -36.05 17.86
N LYS C 12 32.46 -37.23 17.49
CA LYS C 12 32.37 -37.62 16.08
C LYS C 12 31.45 -36.67 15.30
N LEU C 13 30.31 -36.33 15.88
CA LEU C 13 29.39 -35.40 15.24
C LEU C 13 30.04 -34.05 14.97
N ARG C 14 30.70 -33.50 15.98
CA ARG C 14 31.35 -32.19 15.85
C ARG C 14 32.44 -32.21 14.78
N ALA C 15 33.18 -33.31 14.69
CA ALA C 15 34.19 -33.49 13.64
C ALA C 15 33.54 -33.51 12.25
N ALA C 16 32.41 -34.20 12.13
CA ALA C 16 31.68 -34.27 10.86
C ALA C 16 31.08 -32.92 10.47
N GLN C 17 30.54 -32.19 11.45
CA GLN C 17 30.00 -30.85 11.21
C GLN C 17 31.11 -29.90 10.76
N TYR C 18 32.25 -29.95 11.44
CA TYR C 18 33.41 -29.16 11.06
C TYR C 18 33.81 -29.44 9.61
N ALA C 19 33.87 -30.71 9.25
CA ALA C 19 34.23 -31.14 7.89
C ALA C 19 33.22 -30.65 6.85
N ALA C 20 31.93 -30.67 7.20
CA ALA C 20 30.87 -30.26 6.28
C ALA C 20 31.04 -28.83 5.79
N PHE C 21 31.68 -27.97 6.58
CA PHE C 21 32.02 -26.62 6.14
C PHE C 21 33.45 -26.51 5.62
N HIS C 22 34.41 -27.01 6.39
CA HIS C 22 35.83 -26.71 6.16
C HIS C 22 36.54 -27.56 5.11
N THR C 23 36.15 -28.82 4.95
CA THR C 23 36.93 -29.74 4.10
C THR C 23 36.15 -30.46 2.99
N ASP C 24 34.83 -30.56 3.11
CA ASP C 24 34.02 -31.12 2.01
C ASP C 24 34.20 -30.29 0.76
N ALA C 25 34.08 -30.93 -0.40
CA ALA C 25 34.16 -30.21 -1.66
C ALA C 25 32.98 -29.24 -1.73
N PRO C 26 33.24 -27.97 -2.09
CA PRO C 26 32.14 -27.00 -2.18
C PRO C 26 31.01 -27.46 -3.09
N GLY C 27 29.78 -27.37 -2.61
CA GLY C 27 28.62 -27.78 -3.38
C GLY C 27 28.33 -29.29 -3.36
N SER C 28 29.16 -30.07 -2.66
CA SER C 28 28.98 -31.53 -2.61
C SER C 28 27.67 -31.93 -1.92
N TRP C 29 27.29 -31.20 -0.87
CA TRP C 29 26.05 -31.49 -0.14
C TRP C 29 24.83 -31.30 -1.04
N PHE C 30 24.81 -30.18 -1.79
CA PHE C 30 23.74 -29.93 -2.75
C PHE C 30 23.59 -31.09 -3.73
N ASP C 31 24.70 -31.55 -4.30
CA ASP C 31 24.65 -32.66 -5.25
C ASP C 31 24.15 -33.94 -4.59
N HIS C 32 24.54 -34.16 -3.34
CA HIS C 32 24.05 -35.30 -2.59
C HIS C 32 22.53 -35.26 -2.41
N THR C 33 22.00 -34.11 -1.98
CA THR C 33 20.56 -34.00 -1.73
C THR C 33 19.75 -34.01 -3.03
N SER C 34 20.35 -33.53 -4.12
CA SER C 34 19.72 -33.65 -5.45
C SER C 34 19.49 -35.13 -5.79
N GLY C 35 20.49 -35.96 -5.51
CA GLY C 35 20.37 -37.40 -5.67
C GLY C 35 19.28 -38.01 -4.80
N VAL C 36 19.20 -37.58 -3.55
CA VAL C 36 18.17 -38.07 -2.64
C VAL C 36 16.79 -37.72 -3.20
N LEU C 37 16.60 -36.47 -3.59
CA LEU C 37 15.32 -36.02 -4.15
C LEU C 37 14.95 -36.76 -5.44
N GLU C 38 15.94 -36.96 -6.30
CA GLU C 38 15.75 -37.72 -7.55
C GLU C 38 15.34 -39.19 -7.31
N SER C 39 15.75 -39.76 -6.17
CA SER C 39 15.44 -41.15 -5.84
C SER C 39 14.03 -41.35 -5.28
N VAL C 40 13.35 -40.25 -4.94
CA VAL C 40 12.03 -40.31 -4.34
C VAL C 40 11.00 -40.83 -5.36
N GLU C 41 10.14 -41.76 -4.92
CA GLU C 41 9.10 -42.31 -5.78
C GLU C 41 8.16 -41.23 -6.31
N ASP C 42 7.66 -41.44 -7.52
CA ASP C 42 6.79 -40.46 -8.19
C ASP C 42 5.59 -40.09 -7.32
N GLY C 43 5.28 -38.80 -7.25
CA GLY C 43 4.12 -38.30 -6.51
C GLY C 43 4.32 -38.08 -5.01
N THR C 44 5.50 -38.44 -4.50
CA THR C 44 5.78 -38.32 -3.07
C THR C 44 6.04 -36.87 -2.69
N PRO C 45 5.36 -36.37 -1.65
CA PRO C 45 5.66 -35.04 -1.10
C PRO C 45 7.10 -34.95 -0.61
N VAL C 46 7.80 -33.88 -0.97
CA VAL C 46 9.17 -33.67 -0.48
C VAL C 46 9.37 -32.38 0.30
N LEU C 47 8.48 -31.39 0.11
CA LEU C 47 8.65 -30.08 0.74
C LEU C 47 7.29 -29.44 1.03
N ALA C 48 7.13 -28.93 2.25
CA ALA C 48 5.96 -28.15 2.63
C ALA C 48 6.38 -26.78 3.12
N ILE C 49 5.67 -25.76 2.67
CA ILE C 49 5.99 -24.37 2.99
C ILE C 49 4.72 -23.61 3.32
N GLY C 50 4.81 -22.70 4.28
CA GLY C 50 3.65 -21.95 4.74
C GLY C 50 3.21 -20.87 3.76
N VAL C 51 1.90 -20.80 3.51
CA VAL C 51 1.31 -19.69 2.76
C VAL C 51 0.88 -18.61 3.75
N GLU C 52 0.38 -17.49 3.24
CA GLU C 52 0.11 -16.31 4.08
C GLU C 52 -0.74 -16.62 5.31
N SER C 53 -1.77 -17.44 5.14
CA SER C 53 -2.70 -17.80 6.21
C SER C 53 -2.09 -18.65 7.33
N GLY C 54 -0.96 -19.30 7.06
CA GLY C 54 -0.38 -20.25 8.01
C GLY C 54 -0.66 -21.70 7.66
N ASP C 55 -1.54 -21.92 6.68
CA ASP C 55 -1.67 -23.25 6.07
C ASP C 55 -0.38 -23.53 5.30
N ALA C 56 -0.18 -24.79 4.92
CA ALA C 56 1.01 -25.18 4.17
C ALA C 56 0.65 -25.79 2.82
N ILE C 57 1.41 -25.43 1.79
CA ILE C 57 1.30 -26.07 0.49
C ILE C 57 2.45 -27.05 0.31
N VAL C 58 2.25 -28.05 -0.53
CA VAL C 58 3.14 -29.20 -0.61
C VAL C 58 3.60 -29.43 -2.06
N PHE C 59 4.88 -29.75 -2.22
CA PHE C 59 5.50 -29.93 -3.53
C PHE C 59 6.15 -31.31 -3.67
N ASP C 60 6.17 -31.82 -4.90
CA ASP C 60 6.92 -33.03 -5.22
C ASP C 60 8.32 -32.67 -5.70
N LYS C 61 9.11 -33.68 -6.07
CA LYS C 61 10.53 -33.48 -6.42
C LYS C 61 10.72 -32.60 -7.66
N ASN C 62 9.72 -32.56 -8.53
CA ASN C 62 9.78 -31.74 -9.75
C ASN C 62 9.23 -30.33 -9.53
N ALA C 63 9.06 -29.94 -8.26
CA ALA C 63 8.52 -28.63 -7.90
C ALA C 63 7.10 -28.41 -8.44
N GLN C 64 6.33 -29.49 -8.54
CA GLN C 64 4.92 -29.40 -8.89
C GLN C 64 4.11 -29.56 -7.61
N ARG C 65 3.10 -28.70 -7.46
CA ARG C 65 2.30 -28.70 -6.25
C ARG C 65 1.39 -29.93 -6.20
N ILE C 66 1.29 -30.53 -5.02
CA ILE C 66 0.45 -31.71 -4.80
C ILE C 66 -0.89 -31.25 -4.24
N VAL C 67 -1.97 -31.62 -4.90
CA VAL C 67 -3.32 -31.20 -4.49
C VAL C 67 -4.02 -32.24 -3.62
N ALA C 68 -3.77 -33.52 -3.91
CA ALA C 68 -4.41 -34.62 -3.18
C ALA C 68 -3.40 -35.74 -2.92
N TYR C 69 -3.31 -36.17 -1.67
CA TYR C 69 -2.37 -37.22 -1.28
C TYR C 69 -2.92 -37.96 -0.07
N LYS C 70 -3.20 -39.25 -0.27
CA LYS C 70 -3.79 -40.10 0.77
C LYS C 70 -2.85 -40.19 1.97
N GLU C 71 -3.43 -40.19 3.16
CA GLU C 71 -2.64 -40.30 4.40
C GLU C 71 -1.62 -41.43 4.31
N LYS C 72 -0.38 -41.12 4.66
CA LYS C 72 0.73 -42.09 4.55
C LYS C 72 1.70 -41.85 5.70
N SER C 73 2.02 -42.91 6.44
CA SER C 73 2.87 -42.81 7.63
C SER C 73 4.22 -43.49 7.43
N VAL C 74 5.25 -42.92 8.05
CA VAL C 74 6.60 -43.48 8.00
C VAL C 74 7.23 -43.42 9.39
N LYS C 75 7.70 -44.56 9.88
CA LYS C 75 8.34 -44.64 11.20
C LYS C 75 9.84 -44.36 11.11
N ALA C 76 10.30 -43.35 11.86
CA ALA C 76 11.70 -42.96 11.86
C ALA C 76 12.53 -43.88 12.76
N GLU C 77 13.84 -43.62 12.79
CA GLU C 77 14.77 -44.44 13.56
C GLU C 77 14.56 -44.31 15.08
N ASP C 78 14.25 -43.10 15.55
CA ASP C 78 14.04 -42.84 16.97
C ASP C 78 12.69 -43.36 17.50
N GLY C 79 11.84 -43.88 16.61
CA GLY C 79 10.54 -44.42 16.99
C GLY C 79 9.39 -43.50 16.62
N SER C 80 9.70 -42.26 16.30
CA SER C 80 8.68 -41.28 15.92
C SER C 80 8.05 -41.63 14.58
N VAL C 81 6.79 -41.23 14.41
CA VAL C 81 6.06 -41.46 13.18
C VAL C 81 5.82 -40.11 12.50
N SER C 82 6.20 -40.01 11.24
CA SER C 82 5.87 -38.85 10.42
C SER C 82 4.72 -39.23 9.50
N VAL C 83 3.66 -38.44 9.51
CA VAL C 83 2.49 -38.66 8.67
C VAL C 83 2.39 -37.52 7.66
N VAL C 84 2.00 -37.83 6.43
CA VAL C 84 1.75 -36.80 5.41
C VAL C 84 0.40 -37.05 4.75
N GLN C 85 -0.42 -36.00 4.69
CA GLN C 85 -1.71 -36.04 4.00
C GLN C 85 -1.98 -34.68 3.38
N VAL C 86 -2.43 -34.66 2.13
CA VAL C 86 -2.80 -33.44 1.44
C VAL C 86 -4.23 -33.55 0.94
N GLU C 87 -5.02 -32.51 1.18
CA GLU C 87 -6.42 -32.47 0.78
C GLU C 87 -6.77 -31.07 0.27
N ASN C 88 -7.40 -31.01 -0.90
CA ASN C 88 -7.82 -29.75 -1.52
C ASN C 88 -6.68 -28.72 -1.64
N GLY C 89 -5.48 -29.20 -1.97
CA GLY C 89 -4.33 -28.34 -2.21
C GLY C 89 -3.59 -27.87 -0.96
N PHE C 90 -3.95 -28.40 0.20
CA PHE C 90 -3.33 -27.98 1.47
C PHE C 90 -2.97 -29.17 2.34
N MET C 91 -1.88 -29.01 3.11
CA MET C 91 -1.42 -30.04 4.02
C MET C 91 -2.43 -30.24 5.15
N LYS C 92 -2.93 -31.47 5.29
CA LYS C 92 -3.86 -31.82 6.36
C LYS C 92 -3.11 -32.46 7.52
N GLN C 93 -2.13 -33.29 7.20
CA GLN C 93 -1.20 -33.84 8.19
C GLN C 93 0.23 -33.70 7.69
N GLY C 94 1.15 -33.42 8.62
CA GLY C 94 2.56 -33.25 8.28
C GLY C 94 3.17 -32.07 9.01
N HIS C 95 4.31 -31.61 8.52
CA HIS C 95 5.01 -30.47 9.09
C HIS C 95 5.61 -29.60 8.00
N ARG C 96 5.92 -28.36 8.33
CA ARG C 96 6.60 -27.47 7.40
C ARG C 96 8.06 -27.90 7.29
N GLY C 97 8.63 -27.74 6.10
CA GLY C 97 10.03 -28.13 5.85
C GLY C 97 10.14 -29.34 4.94
N TRP C 98 11.30 -29.98 4.96
CA TRP C 98 11.54 -31.15 4.11
C TRP C 98 10.79 -32.37 4.64
N LEU C 99 10.04 -33.02 3.75
CA LEU C 99 9.20 -34.17 4.10
C LEU C 99 9.88 -35.49 3.80
N VAL C 100 11.09 -35.44 3.23
CA VAL C 100 11.95 -36.60 3.11
C VAL C 100 13.26 -36.27 3.81
N ASP C 101 13.97 -37.31 4.25
CA ASP C 101 15.19 -37.15 5.01
C ASP C 101 16.37 -36.86 4.09
N LEU C 102 16.85 -35.62 4.11
CA LEU C 102 18.03 -35.24 3.33
C LEU C 102 19.32 -35.34 4.13
N THR C 103 19.22 -35.46 5.46
CA THR C 103 20.34 -35.24 6.38
C THR C 103 20.77 -36.48 7.19
N GLY C 104 19.82 -37.28 7.65
CA GLY C 104 20.11 -38.44 8.49
C GLY C 104 20.68 -38.02 9.84
N GLU C 105 21.73 -38.72 10.30
CA GLU C 105 22.38 -38.36 11.55
C GLU C 105 23.18 -37.06 11.46
N LEU C 106 23.54 -36.68 10.25
CA LEU C 106 24.37 -35.51 10.04
C LEU C 106 23.53 -34.23 10.06
N VAL C 107 23.26 -33.75 11.27
CA VAL C 107 22.47 -32.55 11.48
C VAL C 107 23.34 -31.44 12.07
N GLY C 108 22.84 -30.21 12.04
CA GLY C 108 23.54 -29.07 12.59
C GLY C 108 24.73 -28.58 11.77
N CYS C 109 24.70 -28.84 10.47
CA CYS C 109 25.77 -28.40 9.58
C CYS C 109 25.43 -27.09 8.87
N SER C 110 26.48 -26.41 8.42
CA SER C 110 26.37 -25.30 7.48
C SER C 110 27.14 -25.74 6.24
N PRO C 111 26.55 -26.65 5.44
CA PRO C 111 27.31 -27.27 4.35
C PRO C 111 27.89 -26.24 3.38
N VAL C 112 29.17 -26.36 3.08
CA VAL C 112 29.82 -25.41 2.17
C VAL C 112 29.12 -25.41 0.81
N VAL C 113 28.72 -24.23 0.35
CA VAL C 113 27.97 -24.10 -0.91
C VAL C 113 28.88 -23.73 -2.08
N ALA C 114 29.95 -23.02 -1.79
CA ALA C 114 30.87 -22.54 -2.81
C ALA C 114 32.13 -21.97 -2.17
N GLU C 115 33.17 -21.83 -2.97
CA GLU C 115 34.37 -21.11 -2.58
C GLU C 115 34.62 -20.01 -3.59
N PHE C 116 34.93 -18.82 -3.11
CA PHE C 116 35.17 -17.66 -3.97
C PHE C 116 36.17 -16.73 -3.30
N GLY C 117 37.15 -16.26 -4.07
CA GLY C 117 38.16 -15.33 -3.57
C GLY C 117 38.97 -15.83 -2.38
N GLY C 118 39.14 -17.14 -2.28
CA GLY C 118 39.85 -17.75 -1.17
C GLY C 118 39.05 -17.94 0.11
N HIS C 119 37.73 -17.75 0.03
CA HIS C 119 36.86 -17.93 1.18
C HIS C 119 35.77 -18.94 0.86
N ARG C 120 35.47 -19.81 1.82
CA ARG C 120 34.33 -20.72 1.72
C ARG C 120 33.07 -20.03 2.23
N TYR C 121 31.96 -20.30 1.55
CA TYR C 121 30.65 -19.75 1.92
C TYR C 121 29.70 -20.88 2.28
N ALA C 122 28.86 -20.63 3.29
CA ALA C 122 27.93 -21.63 3.78
C ALA C 122 26.62 -21.60 3.00
N SER C 123 25.99 -22.76 2.88
CA SER C 123 24.60 -22.84 2.48
C SER C 123 23.73 -22.31 3.62
N GLY C 124 22.42 -22.29 3.42
CA GLY C 124 21.50 -21.73 4.39
C GLY C 124 21.01 -20.37 3.91
N MET C 125 20.52 -19.55 4.84
CA MET C 125 20.12 -18.19 4.47
C MET C 125 21.18 -17.17 4.82
N VAL C 126 21.48 -16.31 3.85
CA VAL C 126 22.37 -15.18 4.00
C VAL C 126 21.53 -13.90 3.90
N ILE C 127 21.47 -13.14 4.99
CA ILE C 127 20.81 -11.85 4.95
C ILE C 127 21.83 -10.76 4.61
N VAL C 128 21.51 -9.97 3.60
CA VAL C 128 22.34 -8.85 3.18
C VAL C 128 21.66 -7.57 3.63
N THR C 129 22.32 -6.82 4.51
CA THR C 129 21.68 -5.67 5.14
C THR C 129 22.70 -4.61 5.58
N GLY C 130 22.25 -3.66 6.37
CA GLY C 130 23.09 -2.55 6.86
C GLY C 130 22.52 -1.19 6.51
N LYS C 131 23.18 -0.14 6.98
CA LYS C 131 22.83 1.22 6.63
C LYS C 131 23.95 1.82 5.78
N GLY C 132 23.80 3.08 5.39
CA GLY C 132 24.81 3.76 4.58
C GLY C 132 24.48 3.69 3.10
N ASN C 133 25.46 4.05 2.28
CA ASN C 133 25.23 4.22 0.83
C ASN C 133 25.48 2.99 -0.04
N SER C 134 26.09 1.95 0.52
CA SER C 134 26.37 0.73 -0.24
C SER C 134 25.07 -0.02 -0.56
N GLY C 135 24.79 -0.20 -1.85
CA GLY C 135 23.53 -0.77 -2.30
C GLY C 135 23.41 -2.26 -2.09
N LYS C 136 22.26 -2.70 -1.59
CA LYS C 136 22.05 -4.12 -1.29
C LYS C 136 21.72 -4.93 -2.55
N THR C 137 20.89 -4.38 -3.43
CA THR C 137 20.49 -5.09 -4.64
C THR C 137 21.69 -5.48 -5.54
N PRO C 138 22.63 -4.53 -5.78
CA PRO C 138 23.81 -4.90 -6.56
C PRO C 138 24.69 -5.96 -5.87
N LEU C 139 24.77 -5.90 -4.54
CA LEU C 139 25.55 -6.89 -3.78
C LEU C 139 24.96 -8.29 -3.90
N VAL C 140 23.65 -8.43 -3.72
CA VAL C 140 23.04 -9.78 -3.77
C VAL C 140 23.23 -10.43 -5.14
N HIS C 141 23.15 -9.64 -6.20
CA HIS C 141 23.37 -10.16 -7.55
C HIS C 141 24.84 -10.50 -7.80
N ALA C 142 25.76 -9.69 -7.29
CA ALA C 142 27.19 -9.99 -7.39
C ALA C 142 27.54 -11.27 -6.65
N LEU C 143 26.96 -11.45 -5.46
CA LEU C 143 27.21 -12.64 -4.64
C LEU C 143 26.60 -13.88 -5.31
N GLY C 144 25.40 -13.72 -5.88
CA GLY C 144 24.73 -14.80 -6.60
C GLY C 144 25.57 -15.33 -7.75
N GLU C 145 26.08 -14.41 -8.57
CA GLU C 145 26.93 -14.80 -9.70
C GLU C 145 28.21 -15.48 -9.21
N ALA C 146 28.85 -14.88 -8.20
CA ALA C 146 30.12 -15.37 -7.67
C ALA C 146 30.01 -16.78 -7.07
N LEU C 147 29.00 -17.01 -6.24
CA LEU C 147 28.81 -18.33 -5.62
C LEU C 147 28.24 -19.33 -6.60
N GLY C 148 27.50 -18.85 -7.60
CA GLY C 148 27.03 -19.69 -8.69
C GLY C 148 28.19 -20.36 -9.41
N GLY C 149 29.24 -19.58 -9.67
CA GLY C 149 30.47 -20.11 -10.27
C GLY C 149 30.24 -20.57 -11.70
N LYS C 150 30.29 -21.87 -11.91
CA LYS C 150 30.01 -22.46 -13.22
C LYS C 150 28.51 -22.47 -13.54
N ASP C 151 27.67 -22.32 -12.51
CA ASP C 151 26.22 -22.41 -12.65
C ASP C 151 25.56 -21.04 -12.57
N LYS C 152 24.45 -20.90 -13.28
CA LYS C 152 23.60 -19.72 -13.15
C LYS C 152 22.94 -19.71 -11.76
N TYR C 153 22.65 -18.52 -11.25
CA TYR C 153 21.91 -18.37 -10.01
C TYR C 153 20.46 -18.01 -10.34
N ALA C 154 19.56 -18.38 -9.44
CA ALA C 154 18.14 -18.13 -9.59
C ALA C 154 17.75 -16.88 -8.83
N THR C 155 16.92 -16.04 -9.44
CA THR C 155 16.46 -14.82 -8.80
C THR C 155 14.96 -14.88 -8.51
N VAL C 156 14.60 -14.73 -7.24
CA VAL C 156 13.23 -14.58 -6.81
C VAL C 156 12.99 -13.11 -6.51
N ARG C 157 12.02 -12.52 -7.19
CA ARG C 157 11.72 -11.10 -7.05
C ARG C 157 10.40 -10.94 -6.30
N PHE C 158 10.40 -10.06 -5.30
CA PHE C 158 9.20 -9.86 -4.48
C PHE C 158 9.15 -8.46 -3.86
N GLY C 159 8.00 -7.82 -4.01
CA GLY C 159 7.63 -6.66 -3.20
C GLY C 159 8.37 -5.36 -3.43
N GLU C 160 8.83 -5.12 -4.64
CA GLU C 160 9.41 -3.82 -5.00
C GLU C 160 8.54 -3.16 -6.06
N PRO C 161 8.47 -1.81 -6.07
CA PRO C 161 7.61 -1.09 -7.00
C PRO C 161 8.24 -0.91 -8.39
N LEU C 162 8.58 -2.04 -9.02
CA LEU C 162 9.25 -2.06 -10.32
C LEU C 162 8.54 -3.07 -11.23
N SER C 163 8.80 -2.98 -12.53
CA SER C 163 8.07 -3.79 -13.50
C SER C 163 8.28 -5.28 -13.27
N GLY C 164 7.20 -6.04 -13.42
CA GLY C 164 7.25 -7.49 -13.36
C GLY C 164 7.45 -8.10 -11.98
N TYR C 165 7.46 -7.29 -10.93
CA TYR C 165 7.62 -7.81 -9.57
C TYR C 165 6.32 -8.34 -9.03
N ASN C 166 6.33 -9.62 -8.65
CA ASN C 166 5.25 -10.19 -7.86
C ASN C 166 5.20 -9.51 -6.50
N THR C 167 3.99 -9.26 -6.01
CA THR C 167 3.78 -8.71 -4.68
C THR C 167 2.82 -9.56 -3.82
N ASP C 168 2.46 -10.73 -4.33
CA ASP C 168 1.56 -11.66 -3.65
C ASP C 168 2.38 -12.71 -2.91
N PHE C 169 2.24 -12.75 -1.58
CA PHE C 169 3.06 -13.64 -0.75
C PHE C 169 2.96 -15.12 -1.13
N ASN C 170 1.78 -15.57 -1.54
CA ASN C 170 1.59 -16.98 -1.88
C ASN C 170 2.32 -17.37 -3.17
N VAL C 171 2.46 -16.45 -4.12
CA VAL C 171 3.29 -16.67 -5.31
C VAL C 171 4.77 -16.70 -4.89
N PHE C 172 5.14 -15.83 -3.96
CA PHE C 172 6.50 -15.75 -3.42
C PHE C 172 6.97 -17.09 -2.86
N VAL C 173 6.17 -17.72 -2.01
CA VAL C 173 6.58 -19.01 -1.41
C VAL C 173 6.63 -20.13 -2.45
N ASP C 174 5.79 -20.04 -3.49
CA ASP C 174 5.85 -20.97 -4.61
C ASP C 174 7.19 -20.81 -5.35
N ASP C 175 7.58 -19.57 -5.62
CA ASP C 175 8.88 -19.25 -6.25
C ASP C 175 10.04 -19.79 -5.41
N ILE C 176 10.01 -19.54 -4.11
CA ILE C 176 11.10 -19.98 -3.21
C ILE C 176 11.21 -21.50 -3.16
N ALA C 177 10.06 -22.18 -3.06
CA ALA C 177 10.04 -23.63 -3.00
C ALA C 177 10.67 -24.22 -4.27
N ARG C 178 10.24 -23.74 -5.43
CA ARG C 178 10.78 -24.17 -6.71
C ARG C 178 12.29 -23.90 -6.83
N ALA C 179 12.71 -22.72 -6.38
CA ALA C 179 14.12 -22.34 -6.41
C ALA C 179 14.98 -23.30 -5.59
N MET C 180 14.56 -23.59 -4.37
CA MET C 180 15.31 -24.48 -3.48
C MET C 180 15.29 -25.93 -3.97
N LEU C 181 14.20 -26.32 -4.65
CA LEU C 181 14.12 -27.65 -5.21
C LEU C 181 15.04 -27.84 -6.42
N GLN C 182 15.38 -26.76 -7.11
CA GLN C 182 16.05 -26.87 -8.41
C GLN C 182 17.40 -26.16 -8.55
N HIS C 183 17.79 -25.31 -7.58
CA HIS C 183 19.02 -24.51 -7.73
C HIS C 183 19.83 -24.34 -6.44
N ARG C 184 21.16 -24.36 -6.59
CA ARG C 184 22.09 -24.25 -5.46
C ARG C 184 22.25 -22.81 -4.96
N VAL C 185 22.16 -21.84 -5.87
CA VAL C 185 22.36 -20.44 -5.52
C VAL C 185 21.12 -19.63 -5.90
N ILE C 186 20.53 -19.00 -4.89
CA ILE C 186 19.25 -18.33 -5.02
C ILE C 186 19.37 -16.92 -4.43
N VAL C 187 18.86 -15.94 -5.15
CA VAL C 187 18.80 -14.56 -4.68
C VAL C 187 17.34 -14.18 -4.46
N ILE C 188 17.06 -13.57 -3.31
CA ILE C 188 15.73 -13.00 -3.04
C ILE C 188 15.87 -11.48 -2.94
N ASP C 189 15.14 -10.77 -3.80
CA ASP C 189 15.04 -9.32 -3.73
C ASP C 189 13.55 -8.95 -3.79
N SER C 190 12.92 -8.60 -2.66
CA SER C 190 13.56 -8.49 -1.35
C SER C 190 12.65 -8.99 -0.23
N LEU C 191 13.21 -9.01 0.98
CA LEU C 191 12.53 -9.52 2.16
C LEU C 191 11.73 -8.40 2.87
N LYS C 192 11.78 -7.18 2.35
CA LYS C 192 11.13 -6.03 3.00
C LYS C 192 9.66 -6.25 3.34
N ASN C 193 8.89 -6.78 2.39
CA ASN C 193 7.45 -6.96 2.59
C ASN C 193 7.07 -8.16 3.46
N VAL C 194 7.99 -9.10 3.64
CA VAL C 194 7.74 -10.21 4.58
C VAL C 194 7.91 -9.67 6.00
N ILE C 195 8.88 -8.78 6.17
CA ILE C 195 9.09 -8.06 7.43
C ILE C 195 8.00 -7.00 7.59
N GLY C 196 7.45 -6.51 6.49
CA GLY C 196 6.26 -5.67 6.52
C GLY C 196 5.02 -6.51 6.82
N ILE C 207 2.30 -8.75 11.01
CA ILE C 207 2.97 -9.74 10.15
C ILE C 207 2.17 -11.03 10.09
N SER C 208 2.02 -11.57 8.88
CA SER C 208 1.22 -12.77 8.65
C SER C 208 1.89 -14.01 9.23
N ARG C 209 1.08 -15.03 9.51
CA ARG C 209 1.60 -16.31 9.98
C ARG C 209 2.59 -16.90 8.97
N GLY C 210 2.26 -16.79 7.69
CA GLY C 210 3.12 -17.24 6.61
C GLY C 210 4.48 -16.56 6.61
N ALA C 211 4.48 -15.25 6.80
CA ALA C 211 5.71 -14.47 6.83
C ALA C 211 6.59 -14.88 8.01
N PHE C 212 5.95 -15.06 9.18
CA PHE C 212 6.63 -15.53 10.38
C PHE C 212 7.20 -16.93 10.16
N ASP C 213 6.41 -17.82 9.55
CA ASP C 213 6.87 -19.17 9.24
C ASP C 213 8.09 -19.12 8.32
N LEU C 214 8.03 -18.30 7.28
CA LEU C 214 9.12 -18.23 6.29
C LEU C 214 10.43 -17.82 6.95
N LEU C 215 10.39 -16.75 7.73
CA LEU C 215 11.58 -16.28 8.45
C LEU C 215 12.16 -17.35 9.37
N SER C 216 11.28 -18.11 10.03
CA SER C 216 11.73 -19.16 10.94
C SER C 216 12.18 -20.46 10.23
N ASP C 217 11.68 -20.69 9.02
CA ASP C 217 11.89 -21.97 8.32
C ASP C 217 13.01 -21.96 7.28
N ILE C 218 13.19 -20.84 6.59
CA ILE C 218 13.97 -20.82 5.35
C ILE C 218 15.45 -21.20 5.51
N GLY C 219 16.09 -20.71 6.58
CA GLY C 219 17.49 -21.04 6.84
C GLY C 219 17.74 -22.53 6.99
N ALA C 220 16.92 -23.20 7.79
CA ALA C 220 17.03 -24.64 7.98
C ALA C 220 16.71 -25.41 6.70
N MET C 221 15.69 -24.95 5.97
CA MET C 221 15.34 -25.57 4.68
C MET C 221 16.54 -25.54 3.73
N ALA C 222 17.15 -24.36 3.61
CA ALA C 222 18.26 -24.16 2.67
C ALA C 222 19.50 -24.93 3.09
N ALA C 223 19.84 -24.87 4.38
CA ALA C 223 21.00 -25.59 4.91
C ALA C 223 20.85 -27.11 4.75
N SER C 224 19.63 -27.62 4.93
CA SER C 224 19.36 -29.06 4.73
C SER C 224 19.57 -29.49 3.28
N ARG C 225 19.15 -28.61 2.35
CA ARG C 225 19.32 -28.85 0.92
C ARG C 225 20.78 -28.67 0.48
N GLY C 226 21.49 -27.77 1.14
CA GLY C 226 22.83 -27.37 0.71
C GLY C 226 22.82 -26.27 -0.32
N CYS C 227 21.69 -25.55 -0.43
CA CYS C 227 21.60 -24.37 -1.29
C CYS C 227 21.75 -23.13 -0.44
N VAL C 228 22.13 -22.02 -1.08
CA VAL C 228 22.25 -20.74 -0.39
C VAL C 228 21.16 -19.80 -0.89
N VAL C 229 20.48 -19.16 0.06
CA VAL C 229 19.46 -18.16 -0.24
C VAL C 229 20.02 -16.81 0.22
N ILE C 230 20.28 -15.95 -0.76
CA ILE C 230 20.88 -14.64 -0.53
C ILE C 230 19.76 -13.59 -0.60
N ALA C 231 19.38 -13.06 0.56
CA ALA C 231 18.19 -12.21 0.66
C ALA C 231 18.55 -10.80 1.10
N SER C 232 18.12 -9.81 0.31
CA SER C 232 18.30 -8.41 0.68
C SER C 232 17.23 -8.00 1.69
N LEU C 233 17.66 -7.25 2.69
CA LEU C 233 16.75 -6.75 3.71
C LEU C 233 17.18 -5.35 4.15
N ASN C 234 16.44 -4.34 3.72
CA ASN C 234 16.70 -2.96 4.13
C ASN C 234 16.00 -2.66 5.46
N PRO C 235 16.77 -2.17 6.45
CA PRO C 235 16.20 -1.82 7.75
C PRO C 235 15.51 -0.45 7.73
N LYS C 241 10.29 -1.43 16.61
CA LYS C 241 9.48 -2.60 16.34
C LYS C 241 10.01 -3.35 15.13
N ILE C 242 10.06 -2.65 14.00
CA ILE C 242 10.43 -3.25 12.72
C ILE C 242 11.94 -3.44 12.69
N VAL C 243 12.68 -2.43 13.15
CA VAL C 243 14.15 -2.48 13.21
C VAL C 243 14.67 -3.64 14.08
N GLU C 244 13.97 -3.92 15.18
CA GLU C 244 14.36 -5.02 16.07
C GLU C 244 14.07 -6.39 15.44
N LEU C 245 13.04 -6.46 14.61
CA LEU C 245 12.73 -7.67 13.87
C LEU C 245 13.76 -7.93 12.76
N VAL C 246 14.29 -6.85 12.17
CA VAL C 246 15.40 -6.96 11.22
C VAL C 246 16.65 -7.46 11.95
N LYS C 247 16.90 -6.93 13.15
CA LYS C 247 18.03 -7.36 13.96
C LYS C 247 17.93 -8.84 14.37
N GLU C 248 16.75 -9.27 14.78
CA GLU C 248 16.56 -10.65 15.25
C GLU C 248 16.60 -11.64 14.08
N ALA C 249 16.02 -11.27 12.95
CA ALA C 249 16.12 -12.07 11.73
C ALA C 249 17.58 -12.22 11.30
N SER C 250 18.33 -11.13 11.39
CA SER C 250 19.75 -11.12 11.06
C SER C 250 20.58 -11.87 12.12
N ARG C 251 20.18 -11.78 13.38
CA ARG C 251 20.89 -12.43 14.46
C ARG C 251 20.62 -13.93 14.51
N SER C 252 19.36 -14.32 14.45
CA SER C 252 18.94 -15.68 14.81
C SER C 252 18.35 -16.52 13.68
N ASN C 253 17.89 -15.90 12.59
CA ASN C 253 17.27 -16.64 11.49
C ASN C 253 18.19 -16.83 10.28
N SER C 254 19.39 -16.26 10.33
CA SER C 254 20.32 -16.35 9.20
C SER C 254 21.53 -17.22 9.53
N THR C 255 21.95 -18.02 8.55
CA THR C 255 23.15 -18.82 8.66
C THR C 255 24.38 -17.93 8.52
N SER C 256 24.31 -16.96 7.60
CA SER C 256 25.36 -15.97 7.42
C SER C 256 24.75 -14.57 7.29
N LEU C 257 25.56 -13.56 7.56
CA LEU C 257 25.15 -12.18 7.46
C LEU C 257 26.18 -11.42 6.63
N VAL C 258 25.72 -10.61 5.68
CA VAL C 258 26.61 -9.72 4.94
C VAL C 258 26.11 -8.30 5.20
N ILE C 259 26.94 -7.50 5.86
CA ILE C 259 26.53 -6.19 6.34
C ILE C 259 27.47 -5.11 5.84
N SER C 260 26.91 -3.99 5.39
CA SER C 260 27.71 -2.87 4.90
C SER C 260 28.45 -2.22 6.06
N THR C 261 29.54 -1.54 5.75
CA THR C 261 30.38 -0.92 6.77
C THR C 261 30.39 0.60 6.60
N ASP C 262 31.24 1.27 7.37
CA ASP C 262 31.48 2.71 7.26
C ASP C 262 32.03 3.14 5.90
N VAL C 263 32.79 2.25 5.25
CA VAL C 263 33.50 2.57 4.03
C VAL C 263 32.67 2.14 2.82
N ASP C 264 32.45 3.05 1.88
CA ASP C 264 31.63 2.76 0.72
C ASP C 264 32.23 1.60 -0.09
N GLY C 265 31.37 0.66 -0.47
CA GLY C 265 31.79 -0.50 -1.25
C GLY C 265 32.27 -1.69 -0.43
N GLU C 266 32.46 -1.49 0.88
CA GLU C 266 33.02 -2.52 1.74
C GLU C 266 31.95 -3.23 2.57
N TRP C 267 32.07 -4.55 2.65
CA TRP C 267 31.09 -5.37 3.35
C TRP C 267 31.79 -6.34 4.29
N GLN C 268 31.12 -6.70 5.38
CA GLN C 268 31.61 -7.72 6.29
C GLN C 268 30.73 -8.95 6.21
N VAL C 269 31.36 -10.11 6.04
CA VAL C 269 30.65 -11.38 5.96
C VAL C 269 30.86 -12.11 7.28
N LEU C 270 29.76 -12.49 7.94
CA LEU C 270 29.81 -13.22 9.19
C LEU C 270 29.10 -14.56 9.00
N THR C 271 29.84 -15.65 9.20
CA THR C 271 29.36 -16.99 8.84
C THR C 271 29.27 -17.89 10.08
N ARG C 272 28.08 -18.45 10.33
CA ARG C 272 27.95 -19.56 11.27
C ARG C 272 28.41 -20.82 10.56
N THR C 273 29.49 -21.42 11.06
CA THR C 273 30.11 -22.56 10.37
C THR C 273 29.52 -23.90 10.77
N GLY C 274 28.66 -23.91 11.78
CA GLY C 274 27.95 -25.11 12.18
C GLY C 274 27.50 -25.04 13.62
N GLU C 275 26.78 -26.08 14.03
CA GLU C 275 26.24 -26.18 15.37
C GLU C 275 27.34 -26.15 16.42
N GLY C 276 27.29 -25.13 17.28
CA GLY C 276 28.28 -24.96 18.34
C GLY C 276 29.68 -24.59 17.88
N LEU C 277 29.85 -24.32 16.58
CA LEU C 277 31.17 -24.01 16.03
C LEU C 277 31.38 -22.50 15.97
N GLN C 278 32.60 -22.11 15.64
CA GLN C 278 32.96 -20.69 15.67
C GLN C 278 32.32 -19.92 14.52
N ARG C 279 31.91 -18.69 14.81
CA ARG C 279 31.47 -17.77 13.76
C ARG C 279 32.71 -17.10 13.18
N LEU C 280 32.83 -17.12 11.86
CA LEU C 280 33.97 -16.54 11.17
C LEU C 280 33.59 -15.24 10.49
N THR C 281 34.58 -14.39 10.24
CA THR C 281 34.37 -13.12 9.56
C THR C 281 35.46 -12.84 8.54
N HIS C 282 35.06 -12.22 7.43
CA HIS C 282 36.00 -11.64 6.48
C HIS C 282 35.35 -10.45 5.78
N THR C 283 36.18 -9.65 5.12
CA THR C 283 35.70 -8.43 4.48
C THR C 283 35.72 -8.56 2.96
N LEU C 284 34.79 -7.88 2.31
CA LEU C 284 34.70 -7.83 0.86
C LEU C 284 34.89 -6.39 0.40
N GLN C 285 35.67 -6.23 -0.67
CA GLN C 285 35.78 -4.94 -1.37
C GLN C 285 35.06 -5.07 -2.70
N THR C 286 34.34 -4.02 -3.09
CA THR C 286 33.53 -4.05 -4.31
C THR C 286 33.65 -2.75 -5.10
N SER C 287 33.31 -2.82 -6.39
CA SER C 287 33.24 -1.64 -7.24
C SER C 287 32.25 -1.84 -8.37
N TYR C 288 31.76 -0.72 -8.90
CA TYR C 288 30.77 -0.73 -9.98
C TYR C 288 31.44 -0.63 -11.35
N GLY C 289 30.88 -1.36 -12.31
CA GLY C 289 31.23 -1.21 -13.72
C GLY C 289 30.06 -0.53 -14.44
N GLU C 290 29.84 -0.91 -15.70
CA GLU C 290 28.78 -0.28 -16.50
C GLU C 290 27.38 -0.75 -16.04
N HIS C 291 26.40 0.14 -16.15
CA HIS C 291 25.00 -0.12 -15.76
C HIS C 291 24.86 -0.68 -14.34
N SER C 292 25.69 -0.17 -13.43
CA SER C 292 25.64 -0.52 -12.02
C SER C 292 25.90 -1.99 -11.70
N VAL C 293 26.61 -2.71 -12.58
CA VAL C 293 27.00 -4.09 -12.29
C VAL C 293 28.14 -4.05 -11.28
N LEU C 294 27.93 -4.69 -10.13
CA LEU C 294 28.93 -4.71 -9.07
C LEU C 294 29.85 -5.91 -9.21
N THR C 295 31.15 -5.69 -9.00
CA THR C 295 32.14 -6.77 -8.95
C THR C 295 32.70 -6.85 -7.53
N ILE C 296 32.78 -8.06 -7.01
CA ILE C 296 33.43 -8.34 -5.73
C ILE C 296 34.90 -8.65 -6.01
N HIS C 297 35.80 -7.88 -5.40
CA HIS C 297 37.23 -8.04 -5.65
C HIS C 297 37.77 -9.32 -4.99
N THR C 298 38.82 -9.88 -5.58
CA THR C 298 39.44 -11.11 -5.11
C THR C 298 40.93 -10.87 -4.87
N GLN C 313 41.69 -17.53 8.45
CA GLN C 313 40.36 -17.34 9.02
C GLN C 313 40.42 -16.58 10.34
N THR C 314 39.47 -15.66 10.54
CA THR C 314 39.41 -14.88 11.78
C THR C 314 38.04 -15.08 12.45
N VAL C 315 38.08 -15.39 13.74
CA VAL C 315 36.86 -15.67 14.51
C VAL C 315 36.25 -14.38 15.05
N ILE C 316 34.91 -14.35 15.14
CA ILE C 316 34.21 -13.21 15.74
C ILE C 316 33.35 -13.69 16.91
N LYS C 317 33.50 -13.04 18.06
CA LYS C 317 32.78 -13.43 19.28
C LYS C 317 31.41 -12.76 19.35
N ASN C 318 30.61 -13.19 20.32
CA ASN C 318 29.22 -12.72 20.44
C ASN C 318 29.10 -11.22 20.71
N ASP C 319 30.01 -10.66 21.51
CA ASP C 319 29.98 -9.23 21.82
C ASP C 319 30.32 -8.38 20.59
N GLU C 320 31.25 -8.87 19.78
CA GLU C 320 31.59 -8.22 18.51
C GLU C 320 30.44 -8.35 17.51
N LEU C 321 29.74 -9.49 17.56
CA LEU C 321 28.57 -9.73 16.72
C LEU C 321 27.46 -8.73 17.05
N GLU C 322 27.18 -8.56 18.34
CA GLU C 322 26.18 -7.58 18.77
C GLU C 322 26.59 -6.15 18.38
N SER C 323 27.88 -5.84 18.49
CA SER C 323 28.41 -4.55 18.06
C SER C 323 28.12 -4.28 16.58
N VAL C 324 28.23 -5.32 15.75
CA VAL C 324 27.90 -5.22 14.34
C VAL C 324 26.39 -4.96 14.15
N LEU C 325 25.55 -5.69 14.88
CA LEU C 325 24.09 -5.51 14.80
C LEU C 325 23.63 -4.12 15.24
N ARG C 326 24.33 -3.51 16.20
CA ARG C 326 23.99 -2.15 16.66
C ARG C 326 23.99 -1.12 15.54
N ARG C 327 24.80 -1.36 14.51
CA ARG C 327 24.92 -0.43 13.38
C ARG C 327 23.64 -0.33 12.55
N LEU C 328 22.75 -1.32 12.68
CA LEU C 328 21.45 -1.29 12.01
C LEU C 328 20.45 -0.28 12.64
N THR C 329 20.92 0.55 13.59
CA THR C 329 20.14 1.70 14.06
C THR C 329 20.67 2.98 13.47
#